data_4BWL
#
_entry.id   4BWL
#
_cell.length_a   55.970
_cell.length_b   143.220
_cell.length_c   83.410
_cell.angle_alpha   90.00
_cell.angle_beta   109.51
_cell.angle_gamma   90.00
#
_symmetry.space_group_name_H-M   'P 1 21 1'
#
loop_
_entity.id
_entity.type
_entity.pdbx_description
1 polymer 'N-ACETYLNEURAMINATE LYASE'
2 polymer 'N-ACETYLNEURAMINATE LYASE'
3 non-polymer '5-(acetylamino)-3,5-dideoxy-D-glycero-D-galacto-non-2-ulosonic acid'
4 non-polymer 'PENTAETHYLENE GLYCOL'
5 non-polymer 2-(ACETYLAMINO)-2-DEOXY-D-MANNOSE
6 water water
#
loop_
_entity_poly.entity_id
_entity_poly.type
_entity_poly.pdbx_seq_one_letter_code
_entity_poly.pdbx_strand_id
1 'polypeptide(L)'
;MEHHHHHHATNLRGVMAALLTPFDQQQALDKASLRRLVQFNIQQGIDGLYVGGSTGEAFVQSLSEREQVLEIVAEEAKGK
IKLIAHVGCVSTAESQQLAASAKRYGFDAVSAVTPFYYPFSFEEHCDHYRAIIDSADGLPMVVANIPALSGVKLTLDQIN
TLVTLPGVGALKQTSGDLYQMEQIRREHPDLVLYNGYDEIFASGLLAGADGGIGSTYNIMGWRYQGIVKALKEGDIQTAQ
KLQTECNKVIDLLIKTGVFRGLKTVLHYMDVVSVPLCRKPFGPVDEKYLPELKALAQQLMQERG
;
A,B,D
2 'polypeptide(L)'
;MEHHHHHHATNLRGVMAALLTPFDQQQALDKASLRRLVQFNIQQGIDGLYVGGSTGEAFVQSLSEREQVLEIVAEEAKGK
IKLIAHVGCVSTAESQQLAASAKRYGFDAVSAVTPFYYPFSFEEHCDHYRAIIDSADGLPMVVANIPALSGVKLTLDQIN
TLVTLPGVGAL(KPI)QTSGDLYQMEQIRREHPDLVLYNGYDEIFASGLLAGADGGIGSTYNIMGWRYQGIVKALKEGDI
QTAQKLQTECNKVIDLLIKTGVFRGLKTVLHYMDVVSVPLCRKPFGPVDEKYLPELKALAQQLMQERG
;
C
#
loop_
_chem_comp.id
_chem_comp.type
_chem_comp.name
_chem_comp.formula
1PE non-polymer 'PENTAETHYLENE GLYCOL' 'C10 H22 O6'
MN9 non-polymer 2-(ACETYLAMINO)-2-DEOXY-D-MANNOSE 'C8 H15 N O6'
SI3 D-saccharide '5-(acetylamino)-3,5-dideoxy-D-glycero-D-galacto-non-2-ulosonic acid' 'C11 H19 N O9'
#
# COMPACT_ATOMS: atom_id res chain seq x y z
N HIS A 6 -9.42 6.82 -32.21
CA HIS A 6 -9.32 5.33 -31.98
C HIS A 6 -9.73 4.51 -33.21
N HIS A 7 -10.60 5.06 -34.05
CA HIS A 7 -10.94 4.45 -35.35
C HIS A 7 -9.64 4.15 -36.11
N HIS A 8 -8.82 5.19 -36.21
CA HIS A 8 -7.53 5.18 -36.93
C HIS A 8 -6.61 4.00 -36.56
N ALA A 9 -6.93 3.23 -35.51
CA ALA A 9 -6.04 2.15 -34.99
C ALA A 9 -6.69 0.75 -34.87
N THR A 10 -7.88 0.57 -35.42
CA THR A 10 -8.63 -0.70 -35.30
C THR A 10 -7.77 -1.88 -35.75
N ASN A 11 -7.01 -1.67 -36.83
CA ASN A 11 -6.13 -2.69 -37.38
C ASN A 11 -5.14 -3.28 -36.36
N LEU A 12 -5.04 -2.68 -35.18
CA LEU A 12 -4.12 -3.15 -34.13
C LEU A 12 -4.77 -4.09 -33.10
N ARG A 13 -6.06 -4.40 -33.29
CA ARG A 13 -6.77 -5.33 -32.42
C ARG A 13 -6.26 -6.77 -32.59
N GLY A 14 -6.04 -7.47 -31.48
CA GLY A 14 -5.65 -8.89 -31.53
C GLY A 14 -4.89 -9.38 -30.32
N VAL A 15 -4.32 -10.57 -30.47
CA VAL A 15 -3.55 -11.25 -29.45
C VAL A 15 -2.07 -11.16 -29.82
N MET A 16 -1.32 -10.38 -29.05
CA MET A 16 0.07 -10.02 -29.37
C MET A 16 0.99 -10.58 -28.29
N ALA A 17 1.97 -11.40 -28.65
CA ALA A 17 2.94 -11.90 -27.66
C ALA A 17 3.93 -10.80 -27.19
N ALA A 18 4.13 -10.71 -25.87
CA ALA A 18 5.20 -9.91 -25.27
C ALA A 18 6.52 -10.60 -25.52
N LEU A 19 7.28 -10.06 -26.47
CA LEU A 19 8.50 -10.70 -26.95
C LEU A 19 9.61 -10.70 -25.90
N LEU A 20 10.10 -11.89 -25.55
CA LEU A 20 11.28 -12.06 -24.69
C LEU A 20 12.54 -11.75 -25.48
N THR A 21 13.60 -11.36 -24.77
CA THR A 21 14.91 -11.10 -25.36
C THR A 21 15.97 -12.10 -24.88
N PRO A 22 16.27 -13.12 -25.70
CA PRO A 22 17.19 -14.16 -25.23
C PRO A 22 18.64 -13.71 -25.21
N PHE A 23 19.40 -14.20 -24.24
CA PHE A 23 20.81 -13.86 -24.11
C PHE A 23 21.67 -15.11 -24.03
N ASP A 24 22.90 -15.00 -24.54
CA ASP A 24 23.86 -16.11 -24.56
C ASP A 24 24.54 -16.22 -23.21
N GLN A 25 25.43 -17.20 -23.06
CA GLN A 25 26.09 -17.46 -21.77
C GLN A 25 26.85 -16.26 -21.21
N GLN A 26 27.11 -15.27 -22.05
CA GLN A 26 27.77 -14.03 -21.61
C GLN A 26 26.80 -12.82 -21.59
N GLN A 27 25.49 -13.08 -21.66
CA GLN A 27 24.43 -12.07 -21.48
C GLN A 27 24.32 -11.08 -22.64
N ALA A 28 24.84 -11.45 -23.80
CA ALA A 28 24.74 -10.62 -25.00
C ALA A 28 23.49 -10.98 -25.77
N LEU A 29 23.07 -10.07 -26.65
CA LEU A 29 21.97 -10.36 -27.56
C LEU A 29 22.23 -11.62 -28.41
N ASP A 30 21.56 -12.72 -28.06
CA ASP A 30 21.60 -13.98 -28.85
C ASP A 30 20.70 -13.74 -30.05
N LYS A 31 21.31 -13.29 -31.14
CA LYS A 31 20.58 -12.77 -32.29
C LYS A 31 19.84 -13.86 -33.05
N ALA A 32 20.46 -15.02 -33.20
CA ALA A 32 19.84 -16.14 -33.89
C ALA A 32 18.63 -16.64 -33.10
N SER A 33 18.72 -16.68 -31.78
CA SER A 33 17.58 -17.10 -30.95
C SER A 33 16.39 -16.12 -31.06
N LEU A 34 16.66 -14.82 -31.04
CA LEU A 34 15.61 -13.83 -31.24
C LEU A 34 14.87 -14.12 -32.53
N ARG A 35 15.63 -14.35 -33.60
CA ARG A 35 15.08 -14.62 -34.91
C ARG A 35 14.17 -15.86 -34.91
N ARG A 36 14.60 -16.89 -34.19
CA ARG A 36 13.80 -18.12 -34.07
C ARG A 36 12.47 -17.86 -33.33
N LEU A 37 12.53 -17.09 -32.25
CA LEU A 37 11.34 -16.85 -31.41
C LEU A 37 10.30 -16.10 -32.24
N VAL A 38 10.78 -15.14 -33.02
CA VAL A 38 9.91 -14.35 -33.89
C VAL A 38 9.14 -15.28 -34.85
N GLN A 39 9.84 -16.20 -35.49
CA GLN A 39 9.23 -17.19 -36.39
C GLN A 39 8.35 -18.19 -35.66
N PHE A 40 8.76 -18.59 -34.45
CA PHE A 40 7.93 -19.48 -33.64
C PHE A 40 6.57 -18.84 -33.34
N ASN A 41 6.59 -17.56 -32.96
CA ASN A 41 5.34 -16.83 -32.71
C ASN A 41 4.47 -16.71 -33.98
N ILE A 42 5.08 -16.43 -35.14
CA ILE A 42 4.27 -16.38 -36.36
C ILE A 42 3.68 -17.78 -36.65
N GLN A 43 4.47 -18.83 -36.41
CA GLN A 43 4.03 -20.23 -36.55
C GLN A 43 3.05 -20.73 -35.44
N GLN A 44 2.79 -19.89 -34.44
CA GLN A 44 1.73 -20.15 -33.46
C GLN A 44 0.40 -19.65 -33.99
N GLY A 45 0.44 -18.64 -34.86
CA GLY A 45 -0.75 -17.93 -35.30
C GLY A 45 -0.97 -16.63 -34.54
N ILE A 46 0.11 -16.03 -34.04
CA ILE A 46 0.01 -14.79 -33.25
C ILE A 46 -0.36 -13.63 -34.16
N ASP A 47 -1.20 -12.72 -33.67
CA ASP A 47 -1.63 -11.57 -34.46
C ASP A 47 -0.55 -10.51 -34.60
N GLY A 48 0.41 -10.54 -33.68
CA GLY A 48 1.44 -9.53 -33.63
C GLY A 48 2.44 -9.78 -32.53
N LEU A 49 3.40 -8.87 -32.43
CA LEU A 49 4.48 -8.99 -31.49
C LEU A 49 4.68 -7.64 -30.79
N TYR A 50 4.78 -7.67 -29.46
CA TYR A 50 5.05 -6.48 -28.64
C TYR A 50 6.50 -6.61 -28.20
N VAL A 51 7.34 -5.72 -28.71
CA VAL A 51 8.79 -5.90 -28.66
C VAL A 51 9.46 -4.87 -27.78
N GLY A 52 10.39 -5.32 -26.93
CA GLY A 52 11.17 -4.45 -26.07
C GLY A 52 10.46 -4.03 -24.79
N GLY A 53 9.35 -4.68 -24.49
CA GLY A 53 8.61 -4.44 -23.24
C GLY A 53 9.30 -4.98 -21.99
N SER A 54 8.54 -5.01 -20.88
CA SER A 54 9.03 -5.53 -19.60
C SER A 54 9.40 -7.00 -19.72
N THR A 55 8.55 -7.77 -20.37
CA THR A 55 8.83 -9.17 -20.69
C THR A 55 10.05 -9.22 -21.61
N GLY A 56 10.18 -8.22 -22.48
CA GLY A 56 11.37 -8.07 -23.31
C GLY A 56 12.65 -7.62 -22.61
N GLU A 57 12.60 -7.42 -21.28
CA GLU A 57 13.77 -7.14 -20.44
C GLU A 57 14.45 -5.81 -20.79
N ALA A 58 13.62 -4.81 -21.06
CA ALA A 58 14.08 -3.58 -21.67
C ALA A 58 15.06 -2.87 -20.77
N PHE A 59 14.75 -2.84 -19.47
CA PHE A 59 15.40 -1.90 -18.58
C PHE A 59 16.70 -2.43 -18.02
N VAL A 60 17.00 -3.70 -18.35
CA VAL A 60 18.35 -4.23 -18.22
C VAL A 60 19.15 -4.15 -19.55
N GLN A 61 18.62 -3.45 -20.56
CA GLN A 61 19.32 -3.26 -21.85
C GLN A 61 19.59 -1.79 -22.15
N SER A 62 20.71 -1.53 -22.85
CA SER A 62 21.01 -0.20 -23.38
C SER A 62 20.11 0.13 -24.56
N LEU A 63 19.95 1.42 -24.86
CA LEU A 63 19.22 1.82 -26.07
C LEU A 63 19.72 1.13 -27.33
N SER A 64 21.04 0.94 -27.41
CA SER A 64 21.65 0.31 -28.55
C SER A 64 21.09 -1.09 -28.77
N GLU A 65 21.19 -1.95 -27.75
CA GLU A 65 20.63 -3.32 -27.82
C GLU A 65 19.12 -3.37 -28.09
N ARG A 66 18.35 -2.50 -27.45
CA ARG A 66 16.92 -2.42 -27.75
C ARG A 66 16.67 -2.10 -29.21
N GLU A 67 17.45 -1.16 -29.75
CA GLU A 67 17.33 -0.80 -31.17
C GLU A 67 17.66 -1.99 -32.08
N GLN A 68 18.62 -2.82 -31.66
CA GLN A 68 19.01 -4.00 -32.44
C GLN A 68 17.89 -5.01 -32.53
N VAL A 69 17.19 -5.21 -31.41
CA VAL A 69 16.08 -6.12 -31.36
C VAL A 69 14.91 -5.62 -32.22
N LEU A 70 14.62 -4.33 -32.12
CA LEU A 70 13.65 -3.67 -33.00
C LEU A 70 14.04 -3.88 -34.44
N GLU A 71 15.33 -3.70 -34.73
CA GLU A 71 15.89 -3.84 -36.06
C GLU A 71 15.68 -5.27 -36.59
N ILE A 72 16.15 -6.26 -35.85
CA ILE A 72 15.99 -7.67 -36.26
C ILE A 72 14.55 -8.11 -36.47
N VAL A 73 13.66 -7.72 -35.57
CA VAL A 73 12.28 -8.16 -35.61
C VAL A 73 11.55 -7.57 -36.82
N ALA A 74 11.88 -6.34 -37.21
CA ALA A 74 11.43 -5.76 -38.50
C ALA A 74 11.77 -6.68 -39.67
N GLU A 75 13.02 -7.15 -39.69
CA GLU A 75 13.52 -8.04 -40.74
C GLU A 75 12.67 -9.32 -40.85
N GLU A 76 12.31 -9.88 -39.69
CA GLU A 76 11.62 -11.17 -39.63
C GLU A 76 10.12 -11.05 -39.83
N ALA A 77 9.55 -9.96 -39.33
CA ALA A 77 8.10 -9.86 -39.15
C ALA A 77 7.40 -8.75 -39.94
N LYS A 78 8.12 -7.81 -40.55
CA LYS A 78 7.44 -6.76 -41.31
C LYS A 78 6.56 -7.39 -42.40
N GLY A 79 5.34 -6.87 -42.58
CA GLY A 79 4.39 -7.41 -43.57
C GLY A 79 3.75 -8.76 -43.28
N LYS A 80 4.20 -9.45 -42.23
CA LYS A 80 3.64 -10.76 -41.88
C LYS A 80 2.58 -10.65 -40.78
N ILE A 81 2.87 -9.84 -39.76
CA ILE A 81 2.04 -9.71 -38.57
C ILE A 81 2.22 -8.29 -38.01
N LYS A 82 1.36 -7.87 -37.10
CA LYS A 82 1.48 -6.52 -36.53
C LYS A 82 2.73 -6.42 -35.63
N LEU A 83 3.35 -5.25 -35.62
CA LEU A 83 4.58 -5.04 -34.83
C LEU A 83 4.50 -3.78 -33.99
N ILE A 84 4.52 -3.99 -32.67
CA ILE A 84 4.53 -2.91 -31.71
C ILE A 84 5.86 -2.91 -30.97
N ALA A 85 6.52 -1.76 -30.97
CA ALA A 85 7.80 -1.55 -30.30
C ALA A 85 7.52 -0.85 -28.99
N HIS A 86 7.97 -1.44 -27.89
CA HIS A 86 7.93 -0.73 -26.62
C HIS A 86 9.18 0.13 -26.46
N VAL A 87 8.97 1.43 -26.54
CA VAL A 87 10.04 2.42 -26.62
C VAL A 87 10.25 3.17 -25.30
N GLY A 88 9.42 2.88 -24.31
CA GLY A 88 9.45 3.61 -23.07
C GLY A 88 10.67 3.49 -22.19
N CYS A 89 11.11 4.65 -21.69
CA CYS A 89 12.18 4.75 -20.73
C CYS A 89 11.71 5.72 -19.65
N VAL A 90 12.56 6.00 -18.66
CA VAL A 90 12.24 7.03 -17.69
C VAL A 90 12.38 8.36 -18.44
N SER A 91 13.56 8.60 -18.99
CA SER A 91 13.84 9.86 -19.64
C SER A 91 13.06 9.96 -20.96
N THR A 92 12.44 11.11 -21.21
CA THR A 92 11.62 11.27 -22.40
C THR A 92 12.50 11.20 -23.63
N ALA A 93 13.58 11.98 -23.59
CA ALA A 93 14.53 12.10 -24.70
C ALA A 93 15.00 10.71 -25.19
N GLU A 94 15.18 9.79 -24.26
CA GLU A 94 15.58 8.43 -24.61
C GLU A 94 14.47 7.67 -25.31
N SER A 95 13.25 7.81 -24.81
CA SER A 95 12.09 7.15 -25.43
C SER A 95 11.86 7.67 -26.85
N GLN A 96 11.99 8.99 -27.02
CA GLN A 96 11.90 9.68 -28.34
C GLN A 96 12.90 9.16 -29.39
N GLN A 97 14.12 8.89 -28.96
CA GLN A 97 15.11 8.21 -29.79
C GLN A 97 14.60 6.81 -30.23
N LEU A 98 14.11 6.03 -29.26
CA LEU A 98 13.58 4.69 -29.58
C LEU A 98 12.35 4.74 -30.48
N ALA A 99 11.49 5.74 -30.27
CA ALA A 99 10.30 5.96 -31.11
C ALA A 99 10.60 6.33 -32.58
N ALA A 100 11.66 7.10 -32.86
CA ALA A 100 12.01 7.44 -34.25
C ALA A 100 12.62 6.20 -34.89
N SER A 101 13.58 5.60 -34.18
CA SER A 101 14.11 4.32 -34.63
C SER A 101 12.98 3.43 -35.14
N ALA A 102 12.02 3.05 -34.29
CA ALA A 102 10.96 2.11 -34.72
C ALA A 102 10.16 2.63 -35.93
N LYS A 103 10.01 3.95 -36.06
CA LYS A 103 9.41 4.54 -37.27
C LYS A 103 10.31 4.29 -38.47
N ARG A 104 11.62 4.43 -38.29
CA ARG A 104 12.59 4.18 -39.35
C ARG A 104 12.55 2.73 -39.81
N TYR A 105 12.40 1.81 -38.85
CA TYR A 105 12.35 0.37 -39.17
C TYR A 105 10.98 -0.09 -39.68
N GLY A 106 9.96 0.77 -39.65
CA GLY A 106 8.63 0.38 -40.14
C GLY A 106 7.91 -0.55 -39.18
N PHE A 107 7.65 -0.03 -37.98
CA PHE A 107 6.79 -0.72 -37.03
C PHE A 107 5.40 -0.16 -37.24
N ASP A 108 4.40 -0.88 -36.75
CA ASP A 108 3.01 -0.47 -36.91
C ASP A 108 2.57 0.46 -35.79
N ALA A 109 3.19 0.33 -34.60
CA ALA A 109 2.84 1.12 -33.43
C ALA A 109 4.00 1.18 -32.44
N VAL A 110 4.03 2.23 -31.62
CA VAL A 110 4.99 2.36 -30.48
C VAL A 110 4.26 2.36 -29.14
N SER A 111 4.96 2.02 -28.07
CA SER A 111 4.32 1.92 -26.76
C SER A 111 5.31 2.29 -25.68
N ALA A 112 4.80 2.88 -24.60
CA ALA A 112 5.60 3.25 -23.44
C ALA A 112 4.78 2.99 -22.21
N VAL A 113 5.41 2.37 -21.21
CA VAL A 113 4.86 2.29 -19.87
C VAL A 113 5.09 3.68 -19.27
N THR A 114 4.16 4.08 -18.40
CA THR A 114 4.26 5.33 -17.68
C THR A 114 5.62 5.41 -16.96
N PRO A 115 6.39 6.50 -17.19
CA PRO A 115 7.71 6.72 -16.59
C PRO A 115 7.71 6.59 -15.06
N PHE A 116 8.73 5.94 -14.54
CA PHE A 116 8.69 5.43 -13.19
C PHE A 116 9.88 5.90 -12.37
N TYR A 117 10.03 5.30 -11.18
CA TYR A 117 11.02 5.63 -10.15
C TYR A 117 10.76 6.96 -9.44
N TYR A 118 10.93 8.06 -10.18
CA TYR A 118 10.57 9.39 -9.69
C TYR A 118 9.06 9.54 -9.83
N PRO A 119 8.39 10.18 -8.85
CA PRO A 119 6.97 10.38 -8.97
C PRO A 119 6.61 11.63 -9.78
N PHE A 120 6.16 11.44 -11.03
CA PHE A 120 5.80 12.57 -11.89
C PHE A 120 4.33 12.88 -11.79
N SER A 121 4.02 14.16 -11.86
CA SER A 121 2.63 14.61 -11.89
C SER A 121 1.99 14.10 -13.16
N PHE A 122 0.66 14.19 -13.22
CA PHE A 122 -0.08 13.69 -14.40
C PHE A 122 0.13 14.49 -15.68
N GLU A 123 0.25 15.82 -15.57
CA GLU A 123 0.59 16.62 -16.72
C GLU A 123 1.91 16.11 -17.33
N GLU A 124 2.89 15.89 -16.47
CA GLU A 124 4.21 15.42 -16.89
C GLU A 124 4.18 14.08 -17.64
N HIS A 125 3.25 13.21 -17.28
CA HIS A 125 3.00 11.95 -18.01
C HIS A 125 2.35 12.22 -19.38
N CYS A 126 1.42 13.16 -19.42
CA CYS A 126 0.72 13.50 -20.65
C CYS A 126 1.72 14.03 -21.69
N ASP A 127 2.42 15.11 -21.35
CA ASP A 127 3.50 15.68 -22.20
C ASP A 127 4.50 14.66 -22.77
N HIS A 128 4.89 13.70 -21.93
CA HIS A 128 5.82 12.63 -22.28
C HIS A 128 5.27 11.73 -23.40
N TYR A 129 4.01 11.32 -23.30
CA TYR A 129 3.38 10.57 -24.39
C TYR A 129 3.27 11.46 -25.63
N ARG A 130 2.80 12.67 -25.43
CA ARG A 130 2.74 13.67 -26.47
C ARG A 130 4.07 13.82 -27.25
N ALA A 131 5.19 13.95 -26.54
CA ALA A 131 6.47 14.18 -27.17
C ALA A 131 7.05 12.89 -27.74
N ILE A 132 6.62 11.74 -27.23
CA ILE A 132 7.04 10.45 -27.81
C ILE A 132 6.24 10.19 -29.07
N ILE A 133 4.96 10.54 -29.00
CA ILE A 133 4.08 10.54 -30.17
C ILE A 133 4.66 11.37 -31.32
N ASP A 134 5.07 12.60 -31.03
CA ASP A 134 5.66 13.48 -32.05
C ASP A 134 6.74 12.75 -32.82
N SER A 135 7.64 12.09 -32.09
CA SER A 135 8.78 11.38 -32.69
C SER A 135 8.40 10.15 -33.50
N ALA A 136 7.35 9.46 -33.06
CA ALA A 136 6.82 8.32 -33.82
C ALA A 136 6.19 8.75 -35.16
N ASP A 137 5.91 10.06 -35.29
CA ASP A 137 5.60 10.69 -36.58
C ASP A 137 4.60 9.90 -37.39
N GLY A 138 3.45 9.64 -36.76
CA GLY A 138 2.31 8.96 -37.42
C GLY A 138 1.94 7.63 -36.83
N LEU A 139 2.95 6.85 -36.46
CA LEU A 139 2.75 5.60 -35.71
C LEU A 139 1.86 5.82 -34.47
N PRO A 140 0.84 4.97 -34.28
CA PRO A 140 -0.03 5.18 -33.11
C PRO A 140 0.65 4.83 -31.78
N MET A 141 0.25 5.49 -30.71
CA MET A 141 0.79 5.19 -29.38
C MET A 141 -0.13 4.24 -28.63
N VAL A 142 0.46 3.17 -28.12
CA VAL A 142 -0.21 2.26 -27.20
C VAL A 142 0.26 2.58 -25.77
N VAL A 143 -0.56 3.31 -25.00
CA VAL A 143 -0.25 3.61 -23.60
C VAL A 143 -0.22 2.31 -22.80
N ALA A 144 0.82 2.11 -21.99
CA ALA A 144 0.95 0.87 -21.19
C ALA A 144 0.89 1.08 -19.65
N ASN A 145 -0.20 0.60 -19.06
CA ASN A 145 -0.53 0.81 -17.65
C ASN A 145 -0.10 -0.46 -16.93
N ILE A 146 0.99 -0.36 -16.15
CA ILE A 146 1.58 -1.50 -15.44
C ILE A 146 1.87 -1.14 -13.95
N PRO A 147 0.82 -0.88 -13.16
CA PRO A 147 1.01 -0.49 -11.77
C PRO A 147 1.94 -1.39 -10.94
N ALA A 148 1.78 -2.71 -11.03
CA ALA A 148 2.58 -3.61 -10.20
C ALA A 148 4.07 -3.33 -10.32
N LEU A 149 4.56 -3.09 -11.55
CA LEU A 149 5.99 -2.86 -11.78
C LEU A 149 6.40 -1.39 -11.63
N SER A 150 5.76 -0.50 -12.36
CA SER A 150 6.10 0.92 -12.29
C SER A 150 5.79 1.60 -10.95
N GLY A 151 4.70 1.20 -10.32
CA GLY A 151 4.21 1.84 -9.13
C GLY A 151 3.44 3.12 -9.39
N VAL A 152 2.98 3.30 -10.62
CA VAL A 152 2.20 4.49 -10.98
C VAL A 152 0.75 4.04 -10.98
N LYS A 153 -0.08 4.69 -10.16
CA LYS A 153 -1.50 4.32 -10.05
C LYS A 153 -2.37 5.39 -10.70
N LEU A 154 -2.93 5.06 -11.85
CA LEU A 154 -3.80 5.99 -12.58
C LEU A 154 -5.27 5.84 -12.17
N THR A 155 -5.92 6.98 -11.94
CA THR A 155 -7.36 7.01 -11.79
C THR A 155 -8.02 6.92 -13.15
N LEU A 156 -9.29 6.54 -13.14
CA LEU A 156 -10.05 6.23 -14.35
C LEU A 156 -10.11 7.41 -15.30
N ASP A 157 -10.29 8.59 -14.72
CA ASP A 157 -10.28 9.83 -15.50
C ASP A 157 -8.91 10.12 -16.10
N GLN A 158 -7.87 9.73 -15.35
CA GLN A 158 -6.49 9.91 -15.82
C GLN A 158 -6.22 9.01 -17.00
N ILE A 159 -6.74 7.79 -16.96
CA ILE A 159 -6.65 6.88 -18.09
C ILE A 159 -7.41 7.44 -19.29
N ASN A 160 -8.60 7.96 -19.04
CA ASN A 160 -9.49 8.48 -20.10
C ASN A 160 -8.83 9.65 -20.85
N THR A 161 -8.10 10.49 -20.12
CA THR A 161 -7.41 11.62 -20.70
C THR A 161 -6.21 11.14 -21.51
N LEU A 162 -5.49 10.11 -21.03
CA LEU A 162 -4.29 9.63 -21.72
C LEU A 162 -4.57 8.88 -23.01
N VAL A 163 -5.63 8.06 -23.02
CA VAL A 163 -5.98 7.31 -24.21
C VAL A 163 -6.67 8.18 -25.29
N THR A 164 -7.02 9.41 -24.96
CA THR A 164 -7.52 10.34 -26.00
C THR A 164 -6.55 11.48 -26.32
N LEU A 165 -5.30 11.34 -25.88
CA LEU A 165 -4.24 12.23 -26.36
C LEU A 165 -4.05 12.01 -27.87
N PRO A 166 -3.72 13.08 -28.61
CA PRO A 166 -3.56 12.89 -30.05
C PRO A 166 -2.52 11.84 -30.44
N GLY A 167 -2.94 10.85 -31.23
CA GLY A 167 -2.06 9.77 -31.67
C GLY A 167 -2.15 8.49 -30.85
N VAL A 168 -2.88 8.50 -29.74
CA VAL A 168 -3.10 7.26 -28.99
C VAL A 168 -4.31 6.53 -29.59
N GLY A 169 -4.07 5.28 -29.99
CA GLY A 169 -5.10 4.35 -30.37
C GLY A 169 -5.31 3.18 -29.41
N ALA A 170 -4.37 2.91 -28.51
CA ALA A 170 -4.46 1.67 -27.72
C ALA A 170 -3.99 1.82 -26.27
N LEU A 171 -4.35 0.81 -25.48
CA LEU A 171 -4.02 0.73 -24.07
C LEU A 171 -3.68 -0.73 -23.75
N LYS A 172 -2.46 -0.98 -23.27
CA LYS A 172 -2.11 -2.24 -22.59
C LYS A 172 -2.53 -2.06 -21.17
N GLN A 173 -3.67 -2.65 -20.83
CA GLN A 173 -4.22 -2.61 -19.48
C GLN A 173 -3.80 -3.86 -18.73
N THR A 174 -2.63 -3.80 -18.10
CA THR A 174 -2.12 -4.85 -17.23
C THR A 174 -2.56 -4.56 -15.79
N SER A 175 -3.78 -4.96 -15.47
CA SER A 175 -4.37 -4.70 -14.18
C SER A 175 -5.57 -5.56 -14.13
N GLY A 176 -5.70 -6.24 -12.99
CA GLY A 176 -6.77 -7.20 -12.78
C GLY A 176 -8.11 -6.61 -12.43
N ASP A 177 -8.19 -5.27 -12.37
CA ASP A 177 -9.45 -4.58 -12.06
C ASP A 177 -10.35 -4.57 -13.30
N LEU A 178 -11.29 -5.52 -13.36
CA LEU A 178 -12.18 -5.68 -14.53
C LEU A 178 -13.40 -4.74 -14.54
N TYR A 179 -13.65 -4.06 -13.43
CA TYR A 179 -14.63 -2.99 -13.38
C TYR A 179 -14.11 -1.86 -14.24
N GLN A 180 -12.85 -1.52 -13.99
CA GLN A 180 -12.15 -0.47 -14.71
C GLN A 180 -12.05 -0.76 -16.19
N MET A 181 -11.70 -2.01 -16.52
CA MET A 181 -11.69 -2.50 -17.87
C MET A 181 -12.99 -2.17 -18.57
N GLU A 182 -14.11 -2.47 -17.92
CA GLU A 182 -15.42 -2.22 -18.48
C GLU A 182 -15.68 -0.74 -18.60
N GLN A 183 -15.30 0.03 -17.59
CA GLN A 183 -15.47 1.48 -17.66
C GLN A 183 -14.70 2.06 -18.86
N ILE A 184 -13.43 1.67 -19.00
CA ILE A 184 -12.61 1.97 -20.22
C ILE A 184 -13.35 1.62 -21.53
N ARG A 185 -13.87 0.41 -21.64
CA ARG A 185 -14.64 0.01 -22.82
C ARG A 185 -15.86 0.90 -23.03
N ARG A 186 -16.71 1.01 -22.01
CA ARG A 186 -17.94 1.78 -22.13
C ARG A 186 -17.66 3.24 -22.46
N GLU A 187 -16.52 3.75 -21.99
CA GLU A 187 -16.14 5.13 -22.26
C GLU A 187 -15.52 5.32 -23.68
N HIS A 188 -14.89 4.28 -24.23
CA HIS A 188 -14.29 4.37 -25.57
C HIS A 188 -14.61 3.10 -26.35
N PRO A 189 -15.77 3.06 -27.03
CA PRO A 189 -16.13 1.79 -27.66
C PRO A 189 -15.18 1.35 -28.78
N ASP A 190 -14.38 2.26 -29.34
CA ASP A 190 -13.52 1.92 -30.50
C ASP A 190 -12.03 1.84 -30.15
N LEU A 191 -11.70 2.16 -28.91
CA LEU A 191 -10.33 1.98 -28.43
C LEU A 191 -9.88 0.53 -28.51
N VAL A 192 -8.63 0.32 -28.90
CA VAL A 192 -8.02 -1.01 -28.85
C VAL A 192 -7.47 -1.31 -27.44
N LEU A 193 -8.21 -2.12 -26.72
CA LEU A 193 -7.97 -2.35 -25.30
C LEU A 193 -7.38 -3.73 -25.06
N TYR A 194 -6.07 -3.80 -24.83
CA TYR A 194 -5.40 -5.07 -24.61
C TYR A 194 -5.46 -5.51 -23.14
N ASN A 195 -5.85 -6.77 -22.90
CA ASN A 195 -5.78 -7.38 -21.59
C ASN A 195 -4.32 -7.74 -21.32
N GLY A 196 -3.80 -7.22 -20.22
CA GLY A 196 -2.38 -7.35 -19.89
C GLY A 196 -2.03 -8.55 -19.01
N TYR A 197 -2.98 -9.01 -18.19
CA TYR A 197 -2.75 -10.10 -17.25
C TYR A 197 -3.30 -11.40 -17.83
N ASP A 198 -2.41 -12.34 -18.14
CA ASP A 198 -2.77 -13.57 -18.91
C ASP A 198 -3.69 -14.46 -18.10
N GLU A 199 -3.51 -14.42 -16.80
CA GLU A 199 -4.26 -15.24 -15.87
C GLU A 199 -5.73 -14.82 -15.78
N ILE A 200 -6.13 -13.75 -16.47
CA ILE A 200 -7.54 -13.36 -16.53
C ILE A 200 -8.02 -12.98 -17.93
N PHE A 201 -7.33 -13.46 -18.95
CA PHE A 201 -7.69 -13.22 -20.34
C PHE A 201 -9.21 -13.38 -20.65
N ALA A 202 -9.77 -14.57 -20.46
CA ALA A 202 -11.20 -14.79 -20.73
C ALA A 202 -12.09 -13.75 -20.05
N SER A 203 -11.97 -13.66 -18.73
CA SER A 203 -12.73 -12.67 -17.93
C SER A 203 -12.40 -11.24 -18.35
N GLY A 204 -11.15 -11.01 -18.74
CA GLY A 204 -10.72 -9.73 -19.29
C GLY A 204 -11.42 -9.43 -20.59
N LEU A 205 -11.49 -10.42 -21.47
CA LEU A 205 -12.18 -10.26 -22.72
C LEU A 205 -13.70 -10.14 -22.52
N LEU A 206 -14.21 -10.75 -21.45
CA LEU A 206 -15.63 -10.56 -21.08
C LEU A 206 -15.97 -9.15 -20.62
N ALA A 207 -15.04 -8.50 -19.93
CA ALA A 207 -15.30 -7.16 -19.35
C ALA A 207 -15.20 -5.99 -20.35
N GLY A 208 -14.69 -6.25 -21.56
CA GLY A 208 -14.55 -5.18 -22.55
C GLY A 208 -13.23 -5.10 -23.30
N ALA A 209 -12.27 -5.97 -22.94
CA ALA A 209 -11.03 -6.08 -23.69
C ALA A 209 -11.35 -6.76 -25.00
N ASP A 210 -10.77 -6.24 -26.09
CA ASP A 210 -10.95 -6.85 -27.41
C ASP A 210 -9.60 -7.37 -27.93
N GLY A 211 -8.78 -7.87 -27.01
CA GLY A 211 -7.51 -8.52 -27.34
C GLY A 211 -6.55 -8.61 -26.17
N GLY A 212 -5.28 -8.86 -26.44
CA GLY A 212 -4.31 -9.06 -25.36
C GLY A 212 -2.87 -8.93 -25.78
N ILE A 213 -2.03 -8.60 -24.80
CA ILE A 213 -0.59 -8.60 -24.96
C ILE A 213 -0.05 -9.42 -23.80
N GLY A 214 0.76 -10.43 -24.06
CA GLY A 214 1.23 -11.22 -22.93
C GLY A 214 2.48 -12.03 -23.09
N SER A 215 3.07 -12.34 -21.95
CA SER A 215 4.33 -13.05 -21.85
C SER A 215 4.25 -14.55 -22.10
N THR A 216 3.16 -15.20 -21.67
CA THR A 216 3.06 -16.66 -21.77
C THR A 216 2.69 -17.07 -23.18
N TYR A 217 2.13 -16.13 -23.94
CA TYR A 217 1.77 -16.33 -25.35
C TYR A 217 2.96 -16.81 -26.18
N ASN A 218 4.16 -16.47 -25.72
CA ASN A 218 5.41 -16.94 -26.32
C ASN A 218 5.52 -18.47 -26.29
N ILE A 219 4.75 -19.14 -25.45
CA ILE A 219 4.75 -20.60 -25.44
C ILE A 219 3.37 -21.24 -25.58
N MET A 220 2.30 -20.46 -25.75
CA MET A 220 0.96 -21.06 -25.98
C MET A 220 -0.09 -20.08 -26.49
N GLY A 221 0.32 -19.20 -27.38
CA GLY A 221 -0.60 -18.27 -28.03
C GLY A 221 -1.92 -18.89 -28.44
N TRP A 222 -1.84 -20.01 -29.17
CA TRP A 222 -3.04 -20.64 -29.73
C TRP A 222 -4.16 -20.83 -28.71
N ARG A 223 -3.84 -21.12 -27.46
CA ARG A 223 -4.85 -21.17 -26.42
C ARG A 223 -5.59 -19.82 -26.27
N TYR A 224 -4.84 -18.72 -26.26
CA TYR A 224 -5.44 -17.41 -26.08
C TYR A 224 -6.33 -17.03 -27.28
N GLN A 225 -5.88 -17.34 -28.50
CA GLN A 225 -6.73 -17.13 -29.68
C GLN A 225 -7.91 -18.10 -29.60
N GLY A 226 -7.63 -19.32 -29.14
CA GLY A 226 -8.67 -20.30 -28.90
C GLY A 226 -9.73 -19.78 -27.96
N ILE A 227 -9.33 -18.97 -26.98
CA ILE A 227 -10.28 -18.32 -26.08
C ILE A 227 -11.11 -17.28 -26.84
N VAL A 228 -10.48 -16.45 -27.66
CA VAL A 228 -11.24 -15.45 -28.43
C VAL A 228 -12.40 -16.10 -29.22
N LYS A 229 -12.12 -17.22 -29.89
CA LYS A 229 -13.08 -17.87 -30.80
C LYS A 229 -14.20 -18.50 -29.97
N ALA A 230 -13.81 -19.30 -28.99
CA ALA A 230 -14.72 -19.78 -27.94
C ALA A 230 -15.77 -18.73 -27.57
N LEU A 231 -15.33 -17.52 -27.25
CA LEU A 231 -16.26 -16.49 -26.75
C LEU A 231 -17.04 -15.81 -27.86
N LYS A 232 -16.48 -15.79 -29.07
CA LYS A 232 -17.21 -15.29 -30.25
C LYS A 232 -18.34 -16.26 -30.56
N GLU A 233 -18.03 -17.55 -30.49
CA GLU A 233 -19.05 -18.59 -30.69
C GLU A 233 -20.07 -18.58 -29.56
N GLY A 234 -19.65 -18.25 -28.35
CA GLY A 234 -20.47 -18.45 -27.16
C GLY A 234 -20.36 -19.89 -26.69
N ASP A 235 -19.13 -20.33 -26.46
CA ASP A 235 -18.85 -21.65 -25.90
C ASP A 235 -18.01 -21.39 -24.65
N ILE A 236 -18.68 -21.03 -23.54
CA ILE A 236 -17.99 -20.66 -22.31
C ILE A 236 -17.29 -21.88 -21.73
N GLN A 237 -17.84 -23.05 -22.02
CA GLN A 237 -17.24 -24.29 -21.56
C GLN A 237 -15.79 -24.40 -22.06
N THR A 238 -15.56 -24.09 -23.34
CA THR A 238 -14.19 -24.14 -23.92
C THR A 238 -13.35 -22.96 -23.42
N ALA A 239 -13.94 -21.77 -23.43
CA ALA A 239 -13.22 -20.56 -22.96
C ALA A 239 -12.65 -20.80 -21.57
N GLN A 240 -13.49 -21.33 -20.67
CA GLN A 240 -13.11 -21.69 -19.31
C GLN A 240 -12.02 -22.76 -19.23
N LYS A 241 -12.11 -23.77 -20.09
CA LYS A 241 -11.15 -24.88 -20.06
C LYS A 241 -9.75 -24.38 -20.43
N LEU A 242 -9.65 -23.61 -21.50
CA LEU A 242 -8.37 -23.01 -21.91
C LEU A 242 -7.83 -22.06 -20.83
N GLN A 243 -8.67 -21.17 -20.34
CA GLN A 243 -8.22 -20.25 -19.29
C GLN A 243 -7.68 -21.03 -18.10
N THR A 244 -8.34 -22.13 -17.74
CA THR A 244 -7.87 -23.01 -16.67
C THR A 244 -6.52 -23.62 -16.99
N GLU A 245 -6.32 -24.08 -18.22
CA GLU A 245 -5.04 -24.68 -18.58
C GLU A 245 -3.94 -23.62 -18.60
N CYS A 246 -4.24 -22.44 -19.13
CA CYS A 246 -3.24 -21.36 -19.15
C CYS A 246 -2.78 -21.08 -17.72
N ASN A 247 -3.73 -21.03 -16.77
CA ASN A 247 -3.44 -20.72 -15.37
C ASN A 247 -2.62 -21.79 -14.65
N LYS A 248 -2.66 -23.04 -15.13
CA LYS A 248 -1.87 -24.15 -14.54
C LYS A 248 -0.39 -23.96 -14.86
N VAL A 249 -0.15 -23.49 -16.08
CA VAL A 249 1.19 -23.12 -16.51
C VAL A 249 1.62 -21.81 -15.81
N ILE A 250 0.74 -20.82 -15.76
CA ILE A 250 1.09 -19.53 -15.10
C ILE A 250 1.37 -19.76 -13.60
N ASP A 251 0.58 -20.62 -12.97
CA ASP A 251 0.89 -21.11 -11.62
C ASP A 251 2.36 -21.58 -11.52
N LEU A 252 2.83 -22.33 -12.52
CA LEU A 252 4.20 -22.90 -12.50
C LEU A 252 5.28 -21.82 -12.75
N LEU A 253 4.97 -20.91 -13.67
CA LEU A 253 5.91 -19.87 -14.06
C LEU A 253 6.09 -18.85 -12.95
N ILE A 254 4.99 -18.52 -12.26
CA ILE A 254 5.09 -17.71 -11.04
C ILE A 254 6.03 -18.35 -10.00
N LYS A 255 5.91 -19.66 -9.81
CA LYS A 255 6.82 -20.37 -8.90
C LYS A 255 8.28 -20.27 -9.35
N THR A 256 8.52 -20.40 -10.64
CA THR A 256 9.87 -20.46 -11.19
C THR A 256 10.49 -19.08 -11.34
N GLY A 257 9.66 -18.12 -11.76
CA GLY A 257 10.10 -16.83 -12.26
C GLY A 257 9.49 -16.78 -13.65
N VAL A 258 8.57 -15.85 -13.88
CA VAL A 258 7.83 -15.87 -15.13
C VAL A 258 8.74 -15.78 -16.36
N PHE A 259 9.55 -14.71 -16.48
CA PHE A 259 10.31 -14.50 -17.71
C PHE A 259 11.37 -15.58 -17.92
N ARG A 260 12.12 -15.90 -16.86
CA ARG A 260 13.07 -17.02 -16.91
C ARG A 260 12.38 -18.38 -17.10
N GLY A 261 11.14 -18.51 -16.62
CA GLY A 261 10.39 -19.73 -16.80
C GLY A 261 10.11 -19.95 -18.26
N LEU A 262 9.60 -18.90 -18.90
CA LEU A 262 9.21 -18.93 -20.29
C LEU A 262 10.41 -19.13 -21.22
N LYS A 263 11.58 -18.65 -20.80
CA LYS A 263 12.82 -18.82 -21.53
C LYS A 263 13.36 -20.25 -21.42
N THR A 264 12.96 -20.92 -20.34
CA THR A 264 13.41 -22.27 -20.07
C THR A 264 12.57 -23.26 -20.87
N VAL A 265 11.25 -23.09 -20.86
CA VAL A 265 10.40 -23.88 -21.75
C VAL A 265 10.84 -23.67 -23.19
N LEU A 266 11.22 -22.44 -23.52
CA LEU A 266 11.71 -22.12 -24.86
C LEU A 266 13.05 -22.80 -25.20
N HIS A 267 13.85 -23.16 -24.19
CA HIS A 267 15.02 -24.02 -24.38
C HIS A 267 14.59 -25.43 -24.77
N TYR A 268 13.57 -25.95 -24.09
CA TYR A 268 13.15 -27.34 -24.28
C TYR A 268 12.25 -27.56 -25.50
N MET A 269 11.98 -26.48 -26.21
CA MET A 269 11.48 -26.55 -27.56
C MET A 269 12.66 -26.25 -28.50
N ASP A 270 13.89 -26.33 -27.95
CA ASP A 270 15.17 -25.85 -28.57
C ASP A 270 15.05 -24.58 -29.42
N VAL A 271 14.09 -23.74 -29.07
CA VAL A 271 13.86 -22.46 -29.76
C VAL A 271 14.89 -21.43 -29.30
N VAL A 272 15.30 -21.51 -28.03
CA VAL A 272 16.25 -20.57 -27.40
C VAL A 272 17.48 -21.30 -26.84
N SER A 273 18.66 -20.76 -27.10
CA SER A 273 19.93 -21.46 -26.84
C SER A 273 20.35 -21.46 -25.36
N VAL A 274 20.34 -20.28 -24.74
CA VAL A 274 20.62 -20.13 -23.32
C VAL A 274 19.40 -19.43 -22.71
N PRO A 275 18.84 -19.99 -21.61
CA PRO A 275 17.56 -19.51 -21.07
C PRO A 275 17.67 -18.44 -19.98
N LEU A 276 18.82 -17.77 -19.90
CA LEU A 276 19.08 -16.86 -18.79
C LEU A 276 18.41 -15.52 -18.99
N CYS A 277 18.08 -14.88 -17.87
CA CYS A 277 17.76 -13.45 -17.85
C CYS A 277 18.99 -12.72 -17.38
N ARG A 278 19.08 -11.43 -17.67
CA ARG A 278 20.23 -10.63 -17.23
C ARG A 278 20.24 -10.38 -15.71
N LYS A 279 21.42 -10.51 -15.09
CA LYS A 279 21.58 -10.18 -13.67
C LYS A 279 20.98 -8.78 -13.44
N PRO A 280 20.29 -8.56 -12.31
CA PRO A 280 20.15 -9.38 -11.13
C PRO A 280 19.04 -10.47 -11.13
N PHE A 281 18.50 -10.82 -12.29
CA PHE A 281 17.77 -12.08 -12.39
C PHE A 281 18.77 -13.21 -12.30
N GLY A 282 18.66 -14.01 -11.25
CA GLY A 282 19.42 -15.26 -11.12
C GLY A 282 18.77 -16.38 -11.89
N PRO A 283 19.37 -17.58 -11.84
CA PRO A 283 18.83 -18.72 -12.56
C PRO A 283 17.59 -19.31 -11.89
N VAL A 284 16.80 -20.05 -12.67
CA VAL A 284 15.70 -20.84 -12.12
C VAL A 284 16.26 -21.88 -11.16
N ASP A 285 15.47 -22.26 -10.17
CA ASP A 285 15.89 -23.25 -9.19
C ASP A 285 16.02 -24.64 -9.84
N GLU A 286 16.54 -25.60 -9.09
CA GLU A 286 16.87 -26.93 -9.61
C GLU A 286 15.68 -27.87 -9.63
N LYS A 287 14.86 -27.80 -8.58
CA LYS A 287 13.68 -28.65 -8.45
C LYS A 287 12.59 -28.36 -9.47
N TYR A 288 12.72 -27.28 -10.24
CA TYR A 288 11.65 -26.86 -11.15
C TYR A 288 11.91 -27.25 -12.60
N LEU A 289 13.12 -27.75 -12.89
CA LEU A 289 13.48 -28.17 -14.24
C LEU A 289 12.69 -29.41 -14.72
N PRO A 290 12.38 -30.35 -13.80
CA PRO A 290 11.50 -31.47 -14.16
C PRO A 290 10.15 -31.05 -14.74
N GLU A 291 9.44 -30.14 -14.05
CA GLU A 291 8.11 -29.71 -14.48
C GLU A 291 8.15 -28.98 -15.82
N LEU A 292 9.18 -28.17 -16.03
CA LEU A 292 9.26 -27.33 -17.23
C LEU A 292 9.56 -28.13 -18.50
N LYS A 293 10.53 -29.04 -18.43
CA LYS A 293 10.75 -30.02 -19.50
C LYS A 293 9.39 -30.63 -19.84
N ALA A 294 8.83 -31.38 -18.91
CA ALA A 294 7.52 -31.99 -19.10
C ALA A 294 6.59 -30.99 -19.78
N LEU A 295 6.56 -29.78 -19.25
CA LEU A 295 5.67 -28.73 -19.76
C LEU A 295 5.97 -28.42 -21.23
N ALA A 296 7.26 -28.29 -21.57
CA ALA A 296 7.68 -28.09 -22.95
C ALA A 296 7.17 -29.23 -23.83
N GLN A 297 7.43 -30.46 -23.39
CA GLN A 297 7.03 -31.64 -24.16
C GLN A 297 5.49 -31.70 -24.28
N GLN A 298 4.77 -31.40 -23.20
CA GLN A 298 3.30 -31.31 -23.25
C GLN A 298 2.88 -30.29 -24.33
N LEU A 299 3.52 -29.11 -24.30
CA LEU A 299 3.18 -28.02 -25.23
C LEU A 299 3.54 -28.28 -26.71
N MET A 300 4.57 -29.08 -26.96
CA MET A 300 4.88 -29.52 -28.33
C MET A 300 3.89 -30.58 -28.80
N GLN A 301 3.69 -31.61 -27.97
CA GLN A 301 2.81 -32.75 -28.31
C GLN A 301 1.38 -32.31 -28.70
N GLU A 302 0.80 -31.37 -27.96
CA GLU A 302 -0.56 -30.90 -28.24
C GLU A 302 -0.62 -29.81 -29.33
N ARG A 303 0.55 -29.23 -29.65
CA ARG A 303 0.69 -28.35 -30.81
C ARG A 303 0.55 -29.15 -32.11
N GLY A 304 0.80 -30.45 -32.03
CA GLY A 304 0.70 -31.35 -33.17
C GLY A 304 1.33 -32.70 -32.87
N ALA B 9 -5.74 23.48 26.08
CA ALA B 9 -5.76 22.26 26.95
C ALA B 9 -4.40 22.05 27.60
N THR B 10 -3.78 23.20 27.89
CA THR B 10 -2.46 23.34 28.48
C THR B 10 -2.00 22.20 29.45
N ASN B 11 -2.78 21.91 30.49
CA ASN B 11 -2.36 20.96 31.55
C ASN B 11 -2.57 19.49 31.18
N LEU B 12 -2.96 19.24 29.94
CA LEU B 12 -2.99 17.88 29.41
C LEU B 12 -1.58 17.42 28.95
N ARG B 13 -0.59 18.32 29.02
CA ARG B 13 0.77 18.03 28.56
C ARG B 13 1.47 17.01 29.46
N GLY B 14 2.04 15.95 28.88
CA GLY B 14 2.85 15.02 29.68
C GLY B 14 2.89 13.56 29.27
N VAL B 15 3.47 12.73 30.13
CA VAL B 15 3.64 11.33 29.82
C VAL B 15 2.47 10.53 30.37
N MET B 16 1.60 10.07 29.47
CA MET B 16 0.33 9.48 29.81
C MET B 16 0.32 8.00 29.45
N ALA B 17 -0.01 7.14 30.40
CA ALA B 17 -0.03 5.69 30.13
C ALA B 17 -1.34 5.24 29.46
N ALA B 18 -1.20 4.49 28.36
CA ALA B 18 -2.35 3.93 27.62
C ALA B 18 -2.73 2.68 28.34
N LEU B 19 -3.77 2.80 29.17
CA LEU B 19 -4.09 1.80 30.18
C LEU B 19 -4.57 0.51 29.53
N LEU B 20 -3.97 -0.60 29.94
CA LEU B 20 -4.45 -1.93 29.59
C LEU B 20 -5.69 -2.27 30.42
N THR B 21 -6.69 -2.92 29.82
CA THR B 21 -7.87 -3.40 30.54
C THR B 21 -7.66 -4.85 31.01
N PRO B 22 -7.66 -5.06 32.33
CA PRO B 22 -7.44 -6.45 32.72
C PRO B 22 -8.69 -7.30 32.70
N PHE B 23 -8.51 -8.59 32.36
CA PHE B 23 -9.57 -9.57 32.32
C PHE B 23 -9.28 -10.75 33.25
N ASP B 24 -10.33 -11.33 33.81
CA ASP B 24 -10.21 -12.50 34.69
C ASP B 24 -10.07 -13.75 33.84
N GLN B 25 -10.08 -14.92 34.49
CA GLN B 25 -9.85 -16.20 33.81
C GLN B 25 -10.95 -16.54 32.79
N GLN B 26 -12.15 -16.09 33.05
CA GLN B 26 -13.27 -16.34 32.13
C GLN B 26 -13.43 -15.22 31.06
N GLN B 27 -12.50 -14.26 31.05
CA GLN B 27 -12.39 -13.13 30.09
C GLN B 27 -13.36 -11.98 30.35
N ALA B 28 -13.91 -11.91 31.57
CA ALA B 28 -14.67 -10.74 32.02
C ALA B 28 -13.69 -9.74 32.59
N LEU B 29 -14.15 -8.52 32.83
CA LEU B 29 -13.32 -7.52 33.49
C LEU B 29 -12.75 -8.03 34.81
N ASP B 30 -11.43 -7.89 35.00
CA ASP B 30 -10.82 -8.07 36.33
C ASP B 30 -10.73 -6.72 37.03
N LYS B 31 -11.67 -6.48 37.94
CA LYS B 31 -11.73 -5.22 38.68
C LYS B 31 -10.53 -5.04 39.63
N ALA B 32 -10.00 -6.16 40.14
CA ALA B 32 -8.94 -6.12 41.14
C ALA B 32 -7.59 -5.76 40.50
N SER B 33 -7.16 -6.59 39.56
CA SER B 33 -5.94 -6.33 38.80
C SER B 33 -5.95 -4.89 38.22
N LEU B 34 -7.11 -4.48 37.73
CA LEU B 34 -7.31 -3.15 37.18
C LEU B 34 -6.88 -2.08 38.17
N ARG B 35 -7.58 -2.02 39.31
CA ARG B 35 -7.29 -1.06 40.39
C ARG B 35 -5.81 -1.11 40.76
N ARG B 36 -5.28 -2.32 40.89
CA ARG B 36 -3.87 -2.52 41.10
C ARG B 36 -3.06 -1.83 39.99
N LEU B 37 -3.42 -2.07 38.74
CA LEU B 37 -2.65 -1.52 37.63
C LEU B 37 -2.69 0.00 37.59
N VAL B 38 -3.83 0.61 37.92
CA VAL B 38 -3.93 2.09 37.95
C VAL B 38 -3.02 2.70 39.00
N GLN B 39 -3.08 2.16 40.22
CA GLN B 39 -2.23 2.62 41.32
C GLN B 39 -0.75 2.41 41.00
N PHE B 40 -0.42 1.22 40.50
CA PHE B 40 0.93 0.91 40.06
C PHE B 40 1.42 1.98 39.08
N ASN B 41 0.52 2.41 38.19
CA ASN B 41 0.82 3.53 37.27
C ASN B 41 1.06 4.88 37.97
N ILE B 42 0.26 5.17 38.99
CA ILE B 42 0.41 6.43 39.73
C ILE B 42 1.75 6.44 40.47
N GLN B 43 2.10 5.29 41.05
CA GLN B 43 3.37 5.09 41.73
C GLN B 43 4.50 5.59 40.86
N GLN B 44 4.71 4.89 39.74
CA GLN B 44 5.76 5.20 38.78
C GLN B 44 5.87 6.68 38.41
N GLY B 45 4.85 7.46 38.70
CA GLY B 45 4.93 8.90 38.55
C GLY B 45 4.40 9.39 37.23
N ILE B 46 3.46 8.63 36.65
CA ILE B 46 2.91 8.98 35.35
C ILE B 46 2.11 10.25 35.53
N ASP B 47 1.96 11.01 34.45
CA ASP B 47 1.19 12.25 34.52
C ASP B 47 -0.29 12.00 34.33
N GLY B 48 -0.62 10.93 33.62
CA GLY B 48 -2.02 10.61 33.35
C GLY B 48 -2.26 9.28 32.68
N LEU B 49 -3.54 9.02 32.44
CA LEU B 49 -4.02 7.76 31.87
C LEU B 49 -4.93 8.03 30.69
N TYR B 50 -4.70 7.24 29.65
CA TYR B 50 -5.54 7.20 28.48
C TYR B 50 -6.28 5.88 28.63
N VAL B 51 -7.57 5.97 29.00
CA VAL B 51 -8.38 4.81 29.38
C VAL B 51 -9.27 4.32 28.22
N GLY B 52 -9.24 3.01 27.98
CA GLY B 52 -10.13 2.36 27.01
C GLY B 52 -9.70 2.64 25.58
N GLY B 53 -8.39 2.75 25.37
CA GLY B 53 -7.82 2.98 24.04
C GLY B 53 -7.58 1.67 23.33
N SER B 54 -6.84 1.76 22.24
CA SER B 54 -6.52 0.59 21.40
C SER B 54 -5.77 -0.43 22.25
N THR B 55 -4.73 0.05 22.92
CA THR B 55 -4.02 -0.73 23.92
C THR B 55 -4.99 -1.31 24.96
N GLY B 56 -6.01 -0.54 25.33
CA GLY B 56 -7.06 -1.03 26.23
C GLY B 56 -7.96 -2.15 25.71
N GLU B 57 -7.81 -2.55 24.45
CA GLU B 57 -8.73 -3.49 23.79
C GLU B 57 -10.22 -3.04 23.78
N ALA B 58 -10.47 -1.75 23.64
CA ALA B 58 -11.86 -1.27 23.61
C ALA B 58 -12.72 -1.91 22.51
N PHE B 59 -12.11 -2.37 21.42
CA PHE B 59 -12.88 -2.86 20.27
C PHE B 59 -13.20 -4.34 20.35
N VAL B 60 -12.98 -4.93 21.53
CA VAL B 60 -13.56 -6.22 21.88
C VAL B 60 -14.32 -6.08 23.20
N GLN B 61 -14.96 -4.90 23.38
CA GLN B 61 -15.72 -4.57 24.56
C GLN B 61 -17.05 -3.86 24.25
N SER B 62 -18.06 -4.15 25.07
CA SER B 62 -19.36 -3.47 25.01
C SER B 62 -19.24 -2.03 25.51
N LEU B 63 -20.26 -1.21 25.26
CA LEU B 63 -20.25 0.19 25.72
C LEU B 63 -20.29 0.24 27.25
N SER B 64 -21.22 -0.50 27.82
CA SER B 64 -21.31 -0.66 29.27
C SER B 64 -20.04 -1.25 29.90
N GLU B 65 -19.32 -2.10 29.19
CA GLU B 65 -18.03 -2.55 29.69
C GLU B 65 -17.05 -1.38 29.73
N ARG B 66 -16.99 -0.62 28.65
CA ARG B 66 -16.02 0.48 28.54
C ARG B 66 -16.30 1.54 29.59
N GLU B 67 -17.58 1.72 29.89
CA GLU B 67 -18.03 2.59 30.96
C GLU B 67 -17.66 2.06 32.34
N GLN B 68 -17.57 0.75 32.51
CA GLN B 68 -17.24 0.17 33.81
C GLN B 68 -15.75 0.36 34.13
N VAL B 69 -14.90 0.13 33.13
CA VAL B 69 -13.50 0.50 33.23
C VAL B 69 -13.40 2.00 33.51
N LEU B 70 -14.13 2.79 32.74
CA LEU B 70 -14.03 4.25 32.93
C LEU B 70 -14.38 4.70 34.37
N GLU B 71 -15.57 4.35 34.86
CA GLU B 71 -15.99 4.77 36.23
C GLU B 71 -14.95 4.34 37.27
N ILE B 72 -14.53 3.08 37.21
CA ILE B 72 -13.55 2.54 38.15
C ILE B 72 -12.16 3.23 38.15
N VAL B 73 -11.67 3.69 36.99
CA VAL B 73 -10.38 4.38 36.94
C VAL B 73 -10.49 5.76 37.58
N ALA B 74 -11.53 6.51 37.22
CA ALA B 74 -11.81 7.80 37.87
C ALA B 74 -11.84 7.66 39.40
N GLU B 75 -12.54 6.65 39.88
CA GLU B 75 -12.58 6.36 41.31
C GLU B 75 -11.20 6.14 41.95
N GLU B 76 -10.29 5.50 41.21
CA GLU B 76 -8.95 5.19 41.74
C GLU B 76 -8.00 6.40 41.70
N ALA B 77 -8.20 7.28 40.71
CA ALA B 77 -7.17 8.27 40.32
C ALA B 77 -7.67 9.70 40.08
N LYS B 78 -8.98 9.92 39.94
CA LYS B 78 -9.49 11.28 39.71
C LYS B 78 -8.92 12.22 40.78
N GLY B 79 -8.53 13.41 40.34
CA GLY B 79 -7.80 14.38 41.17
C GLY B 79 -6.29 14.16 41.18
N LYS B 80 -5.87 12.91 41.42
CA LYS B 80 -4.44 12.57 41.57
C LYS B 80 -3.67 12.69 40.25
N ILE B 81 -4.23 12.16 39.16
CA ILE B 81 -3.61 12.30 37.83
C ILE B 81 -4.62 12.82 36.83
N LYS B 82 -4.14 13.16 35.64
CA LYS B 82 -5.03 13.55 34.54
C LYS B 82 -5.63 12.27 33.97
N LEU B 83 -6.87 12.31 33.51
CA LEU B 83 -7.54 11.12 32.98
C LEU B 83 -8.19 11.46 31.66
N ILE B 84 -7.81 10.74 30.62
CA ILE B 84 -8.35 10.94 29.29
C ILE B 84 -9.18 9.71 28.94
N ALA B 85 -10.39 9.92 28.45
CA ALA B 85 -11.28 8.80 28.12
C ALA B 85 -11.33 8.59 26.61
N HIS B 86 -10.77 7.48 26.15
CA HIS B 86 -10.91 7.11 24.74
C HIS B 86 -12.31 6.53 24.58
N VAL B 87 -13.14 7.29 23.90
CA VAL B 87 -14.55 6.99 23.75
C VAL B 87 -14.86 6.65 22.30
N GLY B 88 -13.82 6.50 21.47
CA GLY B 88 -14.00 6.30 20.05
C GLY B 88 -14.67 4.98 19.67
N CYS B 89 -15.75 5.09 18.91
CA CYS B 89 -16.34 3.94 18.24
C CYS B 89 -16.47 4.22 16.76
N VAL B 90 -16.67 3.15 16.01
CA VAL B 90 -17.07 3.19 14.60
C VAL B 90 -18.34 4.05 14.45
N SER B 91 -19.26 3.96 15.42
CA SER B 91 -20.49 4.74 15.45
C SER B 91 -20.39 6.07 16.21
N THR B 92 -20.95 7.14 15.63
CA THR B 92 -21.05 8.46 16.26
C THR B 92 -21.85 8.46 17.55
N ALA B 93 -22.95 7.70 17.55
CA ALA B 93 -23.89 7.64 18.70
C ALA B 93 -23.29 6.83 19.85
N GLU B 94 -22.72 5.67 19.53
CA GLU B 94 -21.93 4.90 20.51
C GLU B 94 -20.84 5.79 21.13
N SER B 95 -20.03 6.40 20.28
CA SER B 95 -19.01 7.35 20.71
C SER B 95 -19.53 8.47 21.61
N GLN B 96 -20.69 9.01 21.26
CA GLN B 96 -21.33 10.04 22.07
C GLN B 96 -21.71 9.49 23.47
N GLN B 97 -22.16 8.25 23.53
CA GLN B 97 -22.58 7.62 24.79
C GLN B 97 -21.44 7.51 25.79
N LEU B 98 -20.23 7.29 25.28
CA LEU B 98 -19.05 7.16 26.14
C LEU B 98 -18.53 8.54 26.53
N ALA B 99 -18.69 9.51 25.63
CA ALA B 99 -18.31 10.88 25.94
C ALA B 99 -19.16 11.40 27.09
N ALA B 100 -20.48 11.23 26.99
CA ALA B 100 -21.43 11.67 28.05
C ALA B 100 -21.09 11.05 29.41
N SER B 101 -20.60 9.82 29.37
CA SER B 101 -20.27 9.09 30.60
C SER B 101 -18.92 9.48 31.23
N ALA B 102 -17.93 9.78 30.39
CA ALA B 102 -16.65 10.37 30.82
C ALA B 102 -16.88 11.67 31.59
N LYS B 103 -17.67 12.55 30.99
CA LYS B 103 -18.23 13.70 31.66
C LYS B 103 -18.72 13.28 33.07
N ARG B 104 -19.78 12.47 33.13
CA ARG B 104 -20.34 12.05 34.43
C ARG B 104 -19.29 11.52 35.43
N TYR B 105 -18.31 10.74 34.96
CA TYR B 105 -17.28 10.19 35.89
C TYR B 105 -16.15 11.19 36.20
N GLY B 106 -16.26 12.40 35.64
CA GLY B 106 -15.37 13.51 35.96
C GLY B 106 -14.06 13.58 35.20
N PHE B 107 -13.96 12.86 34.08
CA PHE B 107 -12.73 12.81 33.25
C PHE B 107 -12.31 14.20 32.73
N ASP B 108 -11.02 14.32 32.43
CA ASP B 108 -10.42 15.60 32.07
C ASP B 108 -10.54 15.84 30.57
N ALA B 109 -10.41 14.76 29.80
CA ALA B 109 -10.55 14.80 28.35
C ALA B 109 -11.24 13.54 27.81
N VAL B 110 -11.77 13.68 26.60
CA VAL B 110 -12.16 12.53 25.81
C VAL B 110 -11.18 12.43 24.65
N SER B 111 -11.15 11.26 24.01
CA SER B 111 -10.32 11.02 22.83
C SER B 111 -11.10 10.16 21.89
N ALA B 112 -10.64 10.12 20.63
CA ALA B 112 -11.28 9.27 19.63
C ALA B 112 -10.41 8.97 18.38
N VAL B 113 -10.19 7.67 18.11
CA VAL B 113 -9.53 7.19 16.87
C VAL B 113 -10.49 7.42 15.71
N THR B 114 -9.95 7.80 14.55
CA THR B 114 -10.75 7.98 13.34
C THR B 114 -11.65 6.77 13.12
N PRO B 115 -12.96 6.98 12.86
CA PRO B 115 -13.80 5.82 12.60
C PRO B 115 -13.28 4.98 11.45
N PHE B 116 -13.31 3.66 11.64
CA PHE B 116 -12.62 2.74 10.74
C PHE B 116 -13.59 1.73 10.08
N TYR B 117 -13.03 0.89 9.21
CA TYR B 117 -13.75 -0.10 8.39
C TYR B 117 -14.45 0.51 7.18
N TYR B 118 -15.53 1.25 7.39
CA TYR B 118 -16.21 1.88 6.26
C TYR B 118 -15.42 3.12 5.90
N PRO B 119 -15.13 3.33 4.61
CA PRO B 119 -14.62 4.61 4.14
C PRO B 119 -15.61 5.72 4.48
N PHE B 120 -15.15 6.69 5.25
CA PHE B 120 -15.96 7.86 5.58
C PHE B 120 -15.19 9.02 5.01
N SER B 121 -15.88 9.99 4.43
CA SER B 121 -15.24 11.17 3.84
C SER B 121 -14.70 12.05 4.96
N PHE B 122 -13.86 13.01 4.58
CA PHE B 122 -13.24 13.87 5.57
C PHE B 122 -14.32 14.74 6.22
N GLU B 123 -15.34 15.08 5.44
CA GLU B 123 -16.45 15.88 5.95
C GLU B 123 -17.18 15.11 7.07
N GLU B 124 -17.51 13.85 6.82
CA GLU B 124 -18.18 13.01 7.80
C GLU B 124 -17.31 12.81 9.04
N HIS B 125 -15.99 12.68 8.83
CA HIS B 125 -15.03 12.55 9.92
C HIS B 125 -15.07 13.78 10.78
N CYS B 126 -14.98 14.93 10.14
CA CYS B 126 -15.10 16.16 10.85
C CYS B 126 -16.41 16.16 11.67
N ASP B 127 -17.54 15.81 11.05
CA ASP B 127 -18.83 15.76 11.77
C ASP B 127 -18.84 14.79 12.95
N HIS B 128 -18.19 13.64 12.76
CA HIS B 128 -18.03 12.67 13.85
C HIS B 128 -17.50 13.35 15.11
N TYR B 129 -16.41 14.12 14.95
CA TYR B 129 -15.72 14.76 16.07
C TYR B 129 -16.57 15.89 16.71
N ARG B 130 -17.36 16.62 15.93
CA ARG B 130 -18.21 17.69 16.49
C ARG B 130 -19.33 17.16 17.38
N ALA B 131 -19.87 16.00 17.02
CA ALA B 131 -20.91 15.37 17.82
C ALA B 131 -20.32 14.95 19.15
N ILE B 132 -19.18 14.26 19.07
CA ILE B 132 -18.61 13.68 20.27
C ILE B 132 -18.17 14.82 21.18
N ILE B 133 -17.57 15.86 20.61
CA ILE B 133 -17.25 17.08 21.34
C ILE B 133 -18.49 17.72 22.03
N ASP B 134 -19.63 17.78 21.36
CA ASP B 134 -20.80 18.35 22.01
C ASP B 134 -21.30 17.45 23.15
N SER B 135 -21.30 16.13 22.93
CA SER B 135 -21.74 15.19 23.96
C SER B 135 -20.77 15.13 25.14
N ALA B 136 -19.51 15.47 24.91
CA ALA B 136 -18.55 15.50 26.01
C ALA B 136 -18.74 16.74 26.88
N ASP B 137 -19.60 17.66 26.43
CA ASP B 137 -20.09 18.78 27.24
C ASP B 137 -18.99 19.53 27.99
N GLY B 138 -18.09 20.15 27.23
CA GLY B 138 -17.02 20.99 27.81
C GLY B 138 -15.68 20.30 28.05
N LEU B 139 -15.67 18.97 28.02
CA LEU B 139 -14.42 18.20 28.07
C LEU B 139 -13.67 18.33 26.73
N PRO B 140 -12.43 18.83 26.75
CA PRO B 140 -11.63 18.94 25.52
C PRO B 140 -11.40 17.61 24.80
N MET B 141 -11.32 17.66 23.47
CA MET B 141 -11.14 16.47 22.64
C MET B 141 -9.67 16.21 22.32
N VAL B 142 -9.26 14.95 22.54
CA VAL B 142 -8.00 14.40 22.01
C VAL B 142 -8.22 13.63 20.69
N VAL B 143 -7.74 14.18 19.57
CA VAL B 143 -7.77 13.46 18.28
C VAL B 143 -6.72 12.36 18.25
N ALA B 144 -7.14 11.15 17.89
CA ALA B 144 -6.21 10.04 17.80
C ALA B 144 -6.05 9.71 16.32
N ASN B 145 -4.82 9.88 15.85
CA ASN B 145 -4.41 9.58 14.48
C ASN B 145 -3.52 8.36 14.57
N ILE B 146 -4.09 7.20 14.26
CA ILE B 146 -3.42 5.91 14.41
C ILE B 146 -3.62 5.10 13.13
N PRO B 147 -3.00 5.55 12.01
CA PRO B 147 -3.30 5.04 10.67
C PRO B 147 -2.98 3.55 10.53
N ALA B 148 -1.88 3.11 11.14
CA ALA B 148 -1.53 1.67 11.12
C ALA B 148 -2.67 0.76 11.58
N LEU B 149 -3.54 1.25 12.47
CA LEU B 149 -4.74 0.48 12.91
C LEU B 149 -6.01 0.79 12.13
N SER B 150 -6.28 2.07 11.92
CA SER B 150 -7.57 2.52 11.41
C SER B 150 -7.66 2.41 9.92
N GLY B 151 -6.50 2.47 9.27
CA GLY B 151 -6.44 2.60 7.83
C GLY B 151 -6.81 3.98 7.30
N VAL B 152 -7.15 4.93 8.16
CA VAL B 152 -7.46 6.27 7.66
C VAL B 152 -6.12 6.97 7.43
N LYS B 153 -5.91 7.39 6.19
CA LYS B 153 -4.63 7.94 5.73
C LYS B 153 -4.64 9.48 5.70
N LEU B 154 -4.56 10.12 6.85
CA LEU B 154 -4.74 11.58 6.94
C LEU B 154 -3.51 12.41 6.55
N THR B 155 -3.76 13.50 5.83
CA THR B 155 -2.72 14.45 5.42
C THR B 155 -2.52 15.50 6.51
N LEU B 156 -1.67 16.49 6.23
CA LEU B 156 -1.48 17.66 7.08
C LEU B 156 -2.71 18.58 7.02
N ASP B 157 -3.13 18.95 5.81
CA ASP B 157 -4.29 19.84 5.65
C ASP B 157 -5.49 19.29 6.39
N GLN B 158 -5.73 17.99 6.20
CA GLN B 158 -6.77 17.30 6.95
C GLN B 158 -6.54 17.41 8.46
N ILE B 159 -5.37 17.01 8.92
CA ILE B 159 -5.05 17.09 10.38
C ILE B 159 -5.22 18.49 10.93
N ASN B 160 -4.66 19.47 10.22
CA ASN B 160 -4.80 20.88 10.59
C ASN B 160 -6.26 21.23 10.91
N THR B 161 -7.17 20.80 10.04
CA THR B 161 -8.59 21.15 10.23
C THR B 161 -9.18 20.43 11.45
N LEU B 162 -8.83 19.16 11.66
CA LEU B 162 -9.35 18.40 12.81
C LEU B 162 -8.92 19.04 14.15
N VAL B 163 -7.63 19.36 14.25
CA VAL B 163 -7.10 19.86 15.50
C VAL B 163 -7.52 21.31 15.79
N THR B 164 -7.96 22.03 14.75
CA THR B 164 -8.46 23.39 14.93
C THR B 164 -9.99 23.49 14.96
N LEU B 165 -10.67 22.36 15.14
CA LEU B 165 -12.10 22.39 15.42
C LEU B 165 -12.31 22.92 16.83
N PRO B 166 -13.28 23.84 17.02
CA PRO B 166 -13.57 24.29 18.37
C PRO B 166 -13.92 23.11 19.29
N GLY B 167 -13.19 22.98 20.40
CA GLY B 167 -13.34 21.87 21.32
C GLY B 167 -12.08 21.01 21.32
N VAL B 168 -11.40 20.96 20.18
CA VAL B 168 -10.19 20.16 20.06
C VAL B 168 -9.03 20.83 20.79
N GLY B 169 -8.36 20.06 21.64
CA GLY B 169 -7.30 20.58 22.47
C GLY B 169 -6.03 19.75 22.48
N ALA B 170 -5.95 18.72 21.65
CA ALA B 170 -4.77 17.86 21.68
C ALA B 170 -4.79 16.80 20.57
N LEU B 171 -3.60 16.34 20.18
CA LEU B 171 -3.42 15.30 19.16
C LEU B 171 -2.53 14.19 19.68
N LYS B 172 -3.04 12.95 19.61
CA LYS B 172 -2.22 11.75 19.85
C LYS B 172 -1.74 11.33 18.49
N GLN B 173 -0.44 11.45 18.26
CA GLN B 173 0.13 11.23 16.95
C GLN B 173 0.83 9.89 16.93
N THR B 174 0.07 8.84 16.66
CA THR B 174 0.67 7.53 16.49
C THR B 174 1.06 7.40 15.01
N SER B 175 2.01 8.26 14.60
CA SER B 175 2.66 8.18 13.31
C SER B 175 4.18 8.19 13.44
N GLY B 176 4.84 7.38 12.63
CA GLY B 176 6.29 7.36 12.52
C GLY B 176 6.92 8.50 11.72
N ASP B 177 6.08 9.39 11.17
CA ASP B 177 6.49 10.47 10.25
C ASP B 177 6.84 11.76 11.02
N LEU B 178 8.12 11.86 11.37
CA LEU B 178 8.59 12.96 12.21
C LEU B 178 8.86 14.29 11.46
N TYR B 179 8.63 14.30 10.16
CA TYR B 179 8.52 15.55 9.41
C TYR B 179 7.15 16.14 9.73
N GLN B 180 6.10 15.34 9.50
CA GLN B 180 4.74 15.74 9.86
C GLN B 180 4.68 16.17 11.35
N MET B 181 5.40 15.47 12.23
CA MET B 181 5.39 15.83 13.67
C MET B 181 5.90 17.24 13.88
N GLU B 182 7.02 17.56 13.22
CA GLU B 182 7.59 18.90 13.28
C GLU B 182 6.63 19.89 12.60
N GLN B 183 6.01 19.47 11.52
CA GLN B 183 5.10 20.31 10.73
C GLN B 183 3.88 20.75 11.55
N ILE B 184 3.27 19.80 12.24
CA ILE B 184 2.07 20.05 13.06
C ILE B 184 2.41 21.05 14.18
N ARG B 185 3.54 20.82 14.87
CA ARG B 185 3.97 21.71 15.95
C ARG B 185 4.13 23.16 15.49
N ARG B 186 4.59 23.36 14.25
CA ARG B 186 4.92 24.69 13.75
C ARG B 186 3.65 25.44 13.37
N GLU B 187 2.71 24.76 12.71
CA GLU B 187 1.43 25.38 12.42
C GLU B 187 0.65 25.72 13.71
N HIS B 188 0.67 24.81 14.67
CA HIS B 188 -0.10 24.97 15.90
C HIS B 188 0.83 25.02 17.10
N PRO B 189 1.34 26.23 17.43
CA PRO B 189 2.36 26.27 18.48
C PRO B 189 1.82 25.95 19.87
N ASP B 190 0.52 26.11 20.11
CA ASP B 190 -0.09 25.85 21.43
C ASP B 190 -0.59 24.40 21.63
N LEU B 191 -0.52 23.57 20.59
CA LEU B 191 -1.13 22.22 20.60
C LEU B 191 -0.44 21.22 21.51
N VAL B 192 -1.23 20.53 22.33
CA VAL B 192 -0.73 19.39 23.09
C VAL B 192 -0.55 18.24 22.10
N LEU B 193 0.66 17.72 22.02
CA LEU B 193 1.05 16.84 20.93
C LEU B 193 1.73 15.60 21.48
N TYR B 194 1.02 14.47 21.45
CA TYR B 194 1.50 13.24 22.11
C TYR B 194 2.14 12.24 21.13
N ASN B 195 3.46 12.16 21.15
CA ASN B 195 4.16 11.10 20.44
C ASN B 195 3.45 9.78 20.76
N GLY B 196 3.08 9.02 19.74
CA GLY B 196 2.27 7.83 19.97
C GLY B 196 3.05 6.52 19.89
N TYR B 197 4.19 6.55 19.23
CA TYR B 197 5.05 5.37 19.10
C TYR B 197 6.17 5.45 20.10
N ASP B 198 5.96 4.77 21.22
CA ASP B 198 6.98 4.63 22.26
C ASP B 198 8.37 4.53 21.68
N GLU B 199 8.50 3.79 20.60
CA GLU B 199 9.80 3.33 20.12
C GLU B 199 10.57 4.42 19.36
N ILE B 200 9.97 5.61 19.23
CA ILE B 200 10.66 6.80 18.76
C ILE B 200 10.49 8.00 19.72
N PHE B 201 10.01 7.76 20.96
CA PHE B 201 9.65 8.82 21.93
C PHE B 201 10.71 9.94 21.92
N ALA B 202 11.97 9.58 22.14
CA ALA B 202 13.01 10.61 22.18
C ALA B 202 13.07 11.42 20.88
N SER B 203 13.22 10.72 19.75
CA SER B 203 13.18 11.35 18.42
C SER B 203 11.90 12.16 18.18
N GLY B 204 10.77 11.69 18.71
CA GLY B 204 9.49 12.40 18.54
C GLY B 204 9.39 13.70 19.33
N LEU B 205 9.91 13.72 20.55
CA LEU B 205 9.98 14.96 21.33
C LEU B 205 10.93 15.94 20.62
N LEU B 206 12.09 15.41 20.21
CA LEU B 206 13.06 16.21 19.47
C LEU B 206 12.44 16.92 18.26
N ALA B 207 11.52 16.24 17.55
CA ALA B 207 10.82 16.83 16.40
C ALA B 207 9.67 17.76 16.81
N GLY B 208 9.21 17.63 18.05
CA GLY B 208 8.26 18.62 18.60
C GLY B 208 7.10 18.14 19.45
N ALA B 209 6.96 16.83 19.61
CA ALA B 209 6.07 16.29 20.64
C ALA B 209 6.35 16.98 22.00
N ASP B 210 5.31 17.09 22.84
CA ASP B 210 5.44 17.71 24.17
C ASP B 210 4.96 16.79 25.28
N GLY B 211 4.93 15.51 24.97
CA GLY B 211 4.42 14.48 25.87
C GLY B 211 4.23 13.22 25.05
N GLY B 212 3.53 12.24 25.60
CA GLY B 212 3.33 10.99 24.91
C GLY B 212 2.23 10.16 25.49
N ILE B 213 1.70 9.26 24.67
CA ILE B 213 0.72 8.26 25.10
C ILE B 213 1.29 6.92 24.66
N GLY B 214 1.19 5.92 25.51
CA GLY B 214 1.88 4.67 25.24
C GLY B 214 1.48 3.50 26.11
N SER B 215 1.62 2.32 25.53
CA SER B 215 1.26 1.07 26.16
C SER B 215 2.34 0.57 27.08
N THR B 216 3.60 0.76 26.65
CA THR B 216 4.76 0.27 27.40
C THR B 216 5.04 1.15 28.62
N TYR B 217 4.34 2.29 28.72
CA TYR B 217 4.48 3.16 29.88
C TYR B 217 3.91 2.50 31.14
N ASN B 218 2.93 1.61 30.96
CA ASN B 218 2.40 0.82 32.08
C ASN B 218 3.49 0.08 32.85
N ILE B 219 4.59 -0.28 32.18
CA ILE B 219 5.66 -1.07 32.83
C ILE B 219 7.01 -0.37 32.97
N MET B 220 7.16 0.80 32.35
CA MET B 220 8.38 1.58 32.48
C MET B 220 8.19 3.05 32.13
N GLY B 221 7.05 3.62 32.53
CA GLY B 221 6.77 5.06 32.37
C GLY B 221 7.79 6.03 32.94
N TRP B 222 8.63 5.52 33.86
CA TRP B 222 9.72 6.31 34.43
C TRP B 222 10.89 6.52 33.45
N ARG B 223 11.16 5.51 32.61
CA ARG B 223 12.16 5.66 31.57
C ARG B 223 11.75 6.73 30.56
N TYR B 224 10.46 6.85 30.28
CA TYR B 224 9.96 7.91 29.41
C TYR B 224 10.10 9.26 30.10
N GLN B 225 9.72 9.32 31.38
CA GLN B 225 9.91 10.55 32.17
C GLN B 225 11.39 10.90 32.28
N GLY B 226 12.26 9.89 32.31
CA GLY B 226 13.69 10.11 32.25
C GLY B 226 14.18 10.66 30.90
N ILE B 227 13.49 10.29 29.81
CA ILE B 227 13.86 10.82 28.49
C ILE B 227 13.40 12.27 28.33
N VAL B 228 12.22 12.60 28.85
CA VAL B 228 11.80 14.01 28.91
C VAL B 228 12.78 14.85 29.76
N LYS B 229 13.27 14.30 30.87
CA LYS B 229 14.19 15.06 31.75
C LYS B 229 15.57 15.28 31.10
N ALA B 230 16.18 14.19 30.66
CA ALA B 230 17.51 14.21 30.04
C ALA B 230 17.58 15.18 28.86
N LEU B 231 16.58 15.14 27.98
CA LEU B 231 16.51 16.07 26.86
C LEU B 231 16.40 17.51 27.37
N LYS B 232 15.49 17.74 28.31
CA LYS B 232 15.32 19.05 28.94
C LYS B 232 16.66 19.66 29.41
N GLU B 233 17.59 18.80 29.83
CA GLU B 233 18.83 19.24 30.45
C GLU B 233 20.03 19.15 29.50
N GLY B 234 19.76 18.98 28.21
CA GLY B 234 20.81 18.85 27.21
C GLY B 234 21.51 17.51 27.27
N ASP B 235 21.03 16.63 28.13
CA ASP B 235 21.69 15.36 28.39
C ASP B 235 21.31 14.40 27.26
N ILE B 236 22.08 14.48 26.18
CA ILE B 236 21.80 13.73 24.95
C ILE B 236 22.11 12.23 25.10
N GLN B 237 23.29 11.91 25.64
CA GLN B 237 23.74 10.52 25.78
C GLN B 237 22.69 9.70 26.52
N THR B 238 22.26 10.25 27.66
CA THR B 238 21.39 9.57 28.60
C THR B 238 20.05 9.23 27.98
N ALA B 239 19.47 10.20 27.27
CA ALA B 239 18.20 10.01 26.56
C ALA B 239 18.31 8.92 25.52
N GLN B 240 19.34 8.97 24.68
CA GLN B 240 19.57 7.93 23.68
C GLN B 240 19.72 6.55 24.34
N LYS B 241 20.54 6.50 25.40
CA LYS B 241 20.70 5.28 26.20
C LYS B 241 19.34 4.82 26.73
N LEU B 242 18.52 5.76 27.21
CA LEU B 242 17.21 5.47 27.80
C LEU B 242 16.22 5.05 26.74
N GLN B 243 16.29 5.64 25.55
CA GLN B 243 15.48 5.21 24.41
C GLN B 243 15.95 3.82 23.96
N THR B 244 17.25 3.60 23.97
CA THR B 244 17.78 2.32 23.50
C THR B 244 17.26 1.18 24.37
N GLU B 245 17.30 1.36 25.69
CA GLU B 245 16.87 0.29 26.59
C GLU B 245 15.38 -0.01 26.44
N CYS B 246 14.58 1.04 26.23
CA CYS B 246 13.17 0.85 25.85
C CYS B 246 13.01 0.00 24.60
N ASN B 247 13.83 0.24 23.60
CA ASN B 247 13.64 -0.45 22.32
C ASN B 247 14.04 -1.94 22.40
N LYS B 248 15.00 -2.27 23.24
CA LYS B 248 15.33 -3.67 23.54
C LYS B 248 14.10 -4.37 24.13
N VAL B 249 13.29 -3.62 24.87
CA VAL B 249 12.11 -4.19 25.52
C VAL B 249 10.97 -4.30 24.49
N ILE B 250 10.67 -3.20 23.81
CA ILE B 250 9.70 -3.22 22.72
C ILE B 250 10.05 -4.27 21.65
N ASP B 251 11.33 -4.41 21.31
CA ASP B 251 11.76 -5.53 20.46
C ASP B 251 11.07 -6.79 20.91
N LEU B 252 11.26 -7.17 22.17
CA LEU B 252 10.68 -8.40 22.72
C LEU B 252 9.16 -8.45 22.64
N LEU B 253 8.53 -7.41 23.16
CA LEU B 253 7.06 -7.29 23.18
C LEU B 253 6.43 -7.42 21.81
N ILE B 254 7.13 -6.91 20.79
CA ILE B 254 6.68 -7.10 19.40
C ILE B 254 6.74 -8.57 19.02
N LYS B 255 7.80 -9.28 19.45
CA LYS B 255 7.82 -10.75 19.30
C LYS B 255 6.68 -11.42 20.08
N THR B 256 6.31 -10.84 21.23
CA THR B 256 5.30 -11.48 22.08
C THR B 256 3.89 -10.99 21.85
N GLY B 257 3.74 -9.89 21.11
CA GLY B 257 2.45 -9.19 21.02
C GLY B 257 2.48 -8.15 22.10
N VAL B 258 2.39 -6.87 21.71
CA VAL B 258 2.57 -5.79 22.66
C VAL B 258 1.63 -5.89 23.86
N PHE B 259 0.32 -6.06 23.63
CA PHE B 259 -0.65 -5.94 24.72
C PHE B 259 -0.63 -7.06 25.76
N ARG B 260 -0.60 -8.30 25.30
CA ARG B 260 -0.57 -9.43 26.24
C ARG B 260 0.80 -9.60 26.86
N GLY B 261 1.84 -9.14 26.16
CA GLY B 261 3.19 -9.19 26.67
C GLY B 261 3.41 -8.26 27.83
N LEU B 262 2.90 -7.03 27.70
CA LEU B 262 2.82 -6.10 28.81
C LEU B 262 2.05 -6.73 29.98
N LYS B 263 0.82 -7.15 29.73
CA LYS B 263 0.03 -7.84 30.74
C LYS B 263 0.79 -8.92 31.51
N THR B 264 1.54 -9.78 30.82
CA THR B 264 2.33 -10.80 31.52
C THR B 264 3.38 -10.15 32.44
N VAL B 265 4.27 -9.33 31.86
CA VAL B 265 5.21 -8.57 32.70
C VAL B 265 4.53 -8.07 34.00
N LEU B 266 3.31 -7.55 33.87
CA LEU B 266 2.60 -7.01 35.02
C LEU B 266 2.05 -8.16 35.89
N HIS B 267 1.72 -9.29 35.27
CA HIS B 267 1.45 -10.52 36.01
C HIS B 267 2.63 -10.86 36.93
N TYR B 268 3.84 -10.92 36.37
CA TYR B 268 5.04 -11.20 37.19
C TYR B 268 5.44 -10.08 38.15
N MET B 269 4.89 -8.88 37.94
CA MET B 269 5.13 -7.73 38.82
C MET B 269 4.08 -7.58 39.93
N ASP B 270 3.20 -8.57 40.09
CA ASP B 270 2.16 -8.60 41.14
C ASP B 270 0.93 -7.72 40.91
N VAL B 271 0.77 -7.15 39.71
CA VAL B 271 -0.37 -6.24 39.46
C VAL B 271 -1.55 -6.92 38.76
N VAL B 272 -1.25 -7.85 37.84
CA VAL B 272 -2.26 -8.43 36.96
C VAL B 272 -2.44 -9.91 37.26
N SER B 273 -3.65 -10.31 37.62
CA SER B 273 -3.92 -11.69 38.04
C SER B 273 -3.81 -12.67 36.89
N VAL B 274 -4.39 -12.32 35.73
CA VAL B 274 -4.37 -13.22 34.57
C VAL B 274 -3.96 -12.47 33.28
N PRO B 275 -2.82 -12.84 32.69
CA PRO B 275 -2.22 -12.05 31.60
C PRO B 275 -2.84 -12.25 30.20
N LEU B 276 -4.15 -12.46 30.09
CA LEU B 276 -4.75 -12.72 28.78
C LEU B 276 -5.42 -11.48 28.18
N CYS B 277 -5.43 -11.41 26.84
CA CYS B 277 -6.26 -10.45 26.09
C CYS B 277 -7.52 -11.14 25.64
N ARG B 278 -8.46 -10.39 25.09
CA ARG B 278 -9.68 -11.03 24.61
C ARG B 278 -9.51 -11.66 23.22
N LYS B 279 -10.07 -12.86 23.04
CA LYS B 279 -10.09 -13.49 21.73
C LYS B 279 -10.72 -12.48 20.78
N PRO B 280 -10.26 -12.46 19.52
CA PRO B 280 -9.38 -13.42 18.87
C PRO B 280 -7.92 -13.46 19.26
N PHE B 281 -7.46 -12.53 20.09
CA PHE B 281 -6.08 -12.63 20.62
C PHE B 281 -5.92 -13.99 21.30
N GLY B 282 -4.74 -14.59 21.11
CA GLY B 282 -4.44 -15.87 21.77
C GLY B 282 -3.49 -15.65 22.93
N PRO B 283 -3.16 -16.73 23.66
CA PRO B 283 -2.11 -16.73 24.69
C PRO B 283 -0.74 -16.21 24.24
N VAL B 284 0.07 -15.79 25.21
CA VAL B 284 1.49 -15.60 24.95
C VAL B 284 2.16 -16.97 24.83
N ASP B 285 3.01 -17.10 23.83
CA ASP B 285 3.72 -18.35 23.58
C ASP B 285 4.70 -18.63 24.73
N GLU B 286 4.75 -19.89 25.17
CA GLU B 286 5.41 -20.22 26.43
C GLU B 286 6.94 -20.07 26.40
N LYS B 287 7.55 -20.21 25.22
CA LYS B 287 9.00 -19.98 25.08
C LYS B 287 9.41 -18.58 25.55
N TYR B 288 8.55 -17.61 25.28
CA TYR B 288 8.78 -16.23 25.69
C TYR B 288 8.65 -15.96 27.19
N LEU B 289 7.85 -16.74 27.91
CA LEU B 289 7.59 -16.46 29.34
C LEU B 289 8.84 -16.17 30.20
N PRO B 290 9.90 -16.99 30.10
CA PRO B 290 11.13 -16.71 30.84
C PRO B 290 11.65 -15.28 30.71
N GLU B 291 11.73 -14.78 29.47
CA GLU B 291 12.29 -13.44 29.22
C GLU B 291 11.36 -12.37 29.76
N LEU B 292 10.05 -12.62 29.71
CA LEU B 292 9.09 -11.69 30.28
C LEU B 292 9.19 -11.66 31.82
N LYS B 293 9.56 -12.79 32.43
CA LYS B 293 9.87 -12.79 33.88
C LYS B 293 11.22 -12.14 34.12
N ALA B 294 12.22 -12.53 33.34
CA ALA B 294 13.53 -11.89 33.39
C ALA B 294 13.36 -10.36 33.35
N LEU B 295 12.57 -9.88 32.40
CA LEU B 295 12.28 -8.44 32.27
C LEU B 295 11.48 -7.90 33.44
N ALA B 296 10.53 -8.70 33.92
CA ALA B 296 9.80 -8.34 35.13
C ALA B 296 10.77 -8.11 36.28
N GLN B 297 11.67 -9.06 36.47
CA GLN B 297 12.63 -9.00 37.56
C GLN B 297 13.50 -7.76 37.40
N GLN B 298 14.08 -7.60 36.21
CA GLN B 298 15.03 -6.52 35.98
C GLN B 298 14.37 -5.16 36.21
N LEU B 299 13.15 -4.99 35.70
CA LEU B 299 12.40 -3.73 35.91
C LEU B 299 11.98 -3.51 37.38
N MET B 300 11.75 -4.60 38.11
CA MET B 300 11.43 -4.52 39.55
C MET B 300 12.66 -4.10 40.38
N GLN B 301 13.86 -4.50 39.93
CA GLN B 301 15.11 -3.98 40.53
C GLN B 301 15.10 -2.46 40.37
N GLU B 302 14.83 -2.01 39.15
CA GLU B 302 15.07 -0.62 38.74
C GLU B 302 14.28 0.40 39.58
N ARG B 303 13.10 -0.01 40.06
CA ARG B 303 12.26 0.86 40.88
C ARG B 303 11.32 0.05 41.77
N HIS C 8 -22.76 -31.30 1.98
CA HIS C 8 -23.81 -31.03 0.93
C HIS C 8 -24.43 -29.62 1.08
N ALA C 9 -23.55 -28.62 1.17
CA ALA C 9 -23.98 -27.20 1.28
C ALA C 9 -24.16 -26.52 -0.09
N THR C 10 -23.93 -27.28 -1.16
CA THR C 10 -24.21 -26.89 -2.56
C THR C 10 -25.61 -26.26 -2.83
N ASN C 11 -26.55 -26.43 -1.90
CA ASN C 11 -27.84 -25.73 -1.92
C ASN C 11 -27.76 -24.25 -1.46
N LEU C 12 -26.56 -23.77 -1.14
CA LEU C 12 -26.38 -22.34 -0.81
C LEU C 12 -25.92 -21.51 -2.02
N ARG C 13 -25.46 -22.21 -3.05
CA ARG C 13 -25.30 -21.66 -4.39
C ARG C 13 -26.49 -20.77 -4.75
N GLY C 14 -26.21 -19.58 -5.28
CA GLY C 14 -27.29 -18.65 -5.62
C GLY C 14 -26.84 -17.21 -5.66
N VAL C 15 -27.75 -16.36 -6.14
CA VAL C 15 -27.60 -14.92 -6.07
C VAL C 15 -28.36 -14.47 -4.81
N MET C 16 -27.64 -13.79 -3.94
CA MET C 16 -28.02 -13.56 -2.55
C MET C 16 -27.84 -12.10 -2.22
N ALA C 17 -28.92 -11.35 -2.00
CA ALA C 17 -28.76 -9.89 -1.75
C ALA C 17 -28.16 -9.61 -0.36
N ALA C 18 -27.03 -8.90 -0.33
CA ALA C 18 -26.52 -8.25 0.88
C ALA C 18 -27.54 -7.22 1.31
N LEU C 19 -28.37 -7.64 2.25
CA LEU C 19 -29.49 -6.87 2.75
C LEU C 19 -29.10 -5.54 3.39
N LEU C 20 -29.85 -4.48 3.09
CA LEU C 20 -29.65 -3.18 3.72
C LEU C 20 -30.46 -3.15 5.02
N THR C 21 -29.94 -2.49 6.05
CA THR C 21 -30.66 -2.37 7.32
C THR C 21 -31.28 -0.98 7.47
N PRO C 22 -32.58 -0.80 7.12
CA PRO C 22 -33.17 0.54 7.23
C PRO C 22 -33.18 1.13 8.64
N PHE C 23 -32.81 2.41 8.74
CA PHE C 23 -32.93 3.15 9.97
C PHE C 23 -33.92 4.25 9.73
N ASP C 24 -34.34 4.89 10.81
CA ASP C 24 -35.30 5.97 10.75
C ASP C 24 -34.63 7.32 10.97
N GLN C 25 -35.42 8.37 10.81
CA GLN C 25 -35.05 9.76 11.16
C GLN C 25 -34.07 9.96 12.31
N GLN C 26 -34.33 9.28 13.41
CA GLN C 26 -33.53 9.37 14.63
C GLN C 26 -32.56 8.20 14.78
N GLN C 27 -32.31 7.48 13.69
CA GLN C 27 -31.29 6.43 13.62
C GLN C 27 -31.58 5.10 14.33
N ALA C 28 -32.78 4.93 14.85
CA ALA C 28 -33.21 3.66 15.42
C ALA C 28 -33.58 2.78 14.26
N LEU C 29 -33.63 1.47 14.47
CA LEU C 29 -34.01 0.58 13.38
C LEU C 29 -35.44 0.89 12.94
N ASP C 30 -35.66 0.75 11.63
CA ASP C 30 -36.97 0.89 10.99
C ASP C 30 -37.42 -0.51 10.57
N LYS C 31 -38.09 -1.20 11.51
CA LYS C 31 -38.48 -2.60 11.32
C LYS C 31 -39.58 -2.75 10.28
N ALA C 32 -40.43 -1.74 10.12
CA ALA C 32 -41.48 -1.78 9.09
C ALA C 32 -40.90 -1.73 7.67
N SER C 33 -40.00 -0.79 7.41
CA SER C 33 -39.34 -0.74 6.11
C SER C 33 -38.47 -1.97 5.90
N LEU C 34 -37.97 -2.56 6.99
CA LEU C 34 -37.12 -3.70 6.88
C LEU C 34 -37.93 -4.89 6.38
N ARG C 35 -39.12 -5.09 6.96
CA ARG C 35 -39.98 -6.19 6.54
C ARG C 35 -40.34 -6.05 5.08
N ARG C 36 -40.64 -4.83 4.65
CA ARG C 36 -40.88 -4.59 3.23
C ARG C 36 -39.70 -5.06 2.39
N LEU C 37 -38.52 -4.48 2.66
CA LEU C 37 -37.32 -4.80 1.88
C LEU C 37 -37.10 -6.32 1.77
N VAL C 38 -37.42 -7.06 2.83
CA VAL C 38 -37.30 -8.53 2.77
C VAL C 38 -38.24 -9.09 1.71
N GLN C 39 -39.49 -8.60 1.74
CA GLN C 39 -40.52 -9.06 0.78
C GLN C 39 -40.29 -8.55 -0.64
N PHE C 40 -39.72 -7.35 -0.79
CA PHE C 40 -39.28 -6.84 -2.08
C PHE C 40 -38.26 -7.80 -2.72
N ASN C 41 -37.25 -8.16 -1.94
CA ASN C 41 -36.19 -9.07 -2.37
C ASN C 41 -36.70 -10.44 -2.80
N ILE C 42 -37.76 -10.90 -2.14
CA ILE C 42 -38.37 -12.19 -2.41
C ILE C 42 -39.11 -12.16 -3.75
N GLN C 43 -39.68 -10.99 -4.07
CA GLN C 43 -40.29 -10.78 -5.39
C GLN C 43 -39.28 -10.86 -6.53
N GLN C 44 -38.11 -10.28 -6.33
CA GLN C 44 -37.07 -10.20 -7.38
C GLN C 44 -36.55 -11.58 -7.82
N GLY C 45 -37.10 -12.64 -7.26
CA GLY C 45 -36.63 -13.98 -7.50
C GLY C 45 -35.27 -14.24 -6.88
N ILE C 46 -34.95 -13.54 -5.79
CA ILE C 46 -33.63 -13.70 -5.16
C ILE C 46 -33.56 -15.06 -4.48
N ASP C 47 -32.41 -15.70 -4.55
CA ASP C 47 -32.27 -17.04 -3.98
C ASP C 47 -32.22 -17.03 -2.46
N GLY C 48 -31.84 -15.89 -1.87
CA GLY C 48 -31.66 -15.77 -0.42
C GLY C 48 -31.07 -14.44 0.00
N LEU C 49 -30.91 -14.28 1.31
CA LEU C 49 -30.42 -13.03 1.87
C LEU C 49 -29.23 -13.28 2.79
N TYR C 50 -28.26 -12.37 2.68
CA TYR C 50 -27.10 -12.26 3.51
C TYR C 50 -27.37 -11.06 4.41
N VAL C 51 -27.66 -11.36 5.67
CA VAL C 51 -28.21 -10.44 6.64
C VAL C 51 -27.14 -9.91 7.58
N GLY C 52 -27.11 -8.59 7.77
CA GLY C 52 -26.25 -7.99 8.76
C GLY C 52 -24.76 -8.04 8.45
N GLY C 53 -24.43 -8.17 7.17
CA GLY C 53 -23.04 -8.03 6.70
C GLY C 53 -22.55 -6.59 6.77
N SER C 54 -21.50 -6.29 6.00
CA SER C 54 -20.99 -4.92 5.85
C SER C 54 -21.99 -4.04 5.14
N THR C 55 -22.72 -4.58 4.19
CA THR C 55 -23.75 -3.79 3.48
C THR C 55 -24.86 -3.43 4.44
N GLY C 56 -25.15 -4.33 5.38
CA GLY C 56 -26.14 -4.09 6.40
C GLY C 56 -25.72 -3.27 7.60
N GLU C 57 -24.70 -2.41 7.44
CA GLU C 57 -24.18 -1.52 8.49
C GLU C 57 -24.01 -2.21 9.86
N ALA C 58 -23.50 -3.44 9.81
CA ALA C 58 -23.23 -4.25 11.00
C ALA C 58 -22.58 -3.45 12.09
N PHE C 59 -21.45 -2.87 11.76
CA PHE C 59 -20.52 -2.39 12.77
C PHE C 59 -20.83 -1.00 13.34
N VAL C 60 -21.93 -0.38 12.88
CA VAL C 60 -22.52 0.79 13.54
C VAL C 60 -23.83 0.40 14.26
N GLN C 61 -24.00 -0.90 14.54
CA GLN C 61 -25.12 -1.40 15.35
C GLN C 61 -24.62 -2.16 16.58
N SER C 62 -25.44 -2.19 17.62
CA SER C 62 -25.19 -3.06 18.77
C SER C 62 -25.49 -4.50 18.41
N LEU C 63 -24.98 -5.43 19.21
CA LEU C 63 -25.29 -6.85 19.04
C LEU C 63 -26.79 -7.07 19.08
N SER C 64 -27.49 -6.27 19.90
CA SER C 64 -28.91 -6.46 20.12
C SER C 64 -29.70 -5.99 18.92
N GLU C 65 -29.32 -4.84 18.37
CA GLU C 65 -29.92 -4.37 17.12
C GLU C 65 -29.72 -5.41 16.01
N ARG C 66 -28.51 -5.93 15.89
CA ARG C 66 -28.19 -6.92 14.87
C ARG C 66 -29.08 -8.16 15.06
N GLU C 67 -29.28 -8.56 16.33
CA GLU C 67 -30.13 -9.69 16.67
C GLU C 67 -31.59 -9.47 16.33
N GLN C 68 -32.13 -8.28 16.59
CA GLN C 68 -33.52 -7.98 16.21
C GLN C 68 -33.75 -7.94 14.68
N VAL C 69 -32.73 -7.57 13.91
CA VAL C 69 -32.81 -7.61 12.43
C VAL C 69 -32.90 -9.06 11.95
N LEU C 70 -32.00 -9.90 12.46
CA LEU C 70 -31.94 -11.31 12.08
C LEU C 70 -33.24 -12.04 12.34
N GLU C 71 -33.79 -11.82 13.53
CA GLU C 71 -35.08 -12.32 13.93
C GLU C 71 -36.12 -11.92 12.92
N ILE C 72 -36.24 -10.62 12.68
CA ILE C 72 -37.28 -10.16 11.79
C ILE C 72 -37.18 -10.82 10.41
N VAL C 73 -35.98 -10.88 9.86
CA VAL C 73 -35.78 -11.53 8.55
C VAL C 73 -36.22 -12.99 8.60
N ALA C 74 -35.86 -13.69 9.68
CA ALA C 74 -36.27 -15.07 9.86
C ALA C 74 -37.80 -15.18 9.97
N GLU C 75 -38.46 -14.12 10.44
CA GLU C 75 -39.92 -14.11 10.54
C GLU C 75 -40.55 -13.97 9.15
N GLU C 76 -39.87 -13.24 8.28
CA GLU C 76 -40.44 -12.88 7.00
C GLU C 76 -40.07 -13.83 5.85
N ALA C 77 -39.02 -14.63 6.04
CA ALA C 77 -38.35 -15.30 4.93
C ALA C 77 -37.96 -16.77 5.17
N LYS C 78 -37.91 -17.22 6.43
CA LYS C 78 -37.46 -18.61 6.72
C LYS C 78 -38.21 -19.63 5.87
N GLY C 79 -37.46 -20.50 5.19
CA GLY C 79 -38.02 -21.57 4.37
C GLY C 79 -38.50 -21.15 2.99
N LYS C 80 -38.55 -19.86 2.71
CA LYS C 80 -38.97 -19.36 1.40
C LYS C 80 -37.73 -19.14 0.52
N ILE C 81 -36.68 -18.57 1.12
CA ILE C 81 -35.40 -18.36 0.44
C ILE C 81 -34.33 -19.05 1.28
N LYS C 82 -33.05 -18.83 0.99
CA LYS C 82 -32.00 -19.22 1.92
C LYS C 82 -31.63 -18.00 2.73
N LEU C 83 -31.01 -18.24 3.86
CA LEU C 83 -30.68 -17.16 4.77
C LEU C 83 -29.33 -17.45 5.40
N ILE C 84 -28.40 -16.55 5.10
CA ILE C 84 -27.10 -16.47 5.77
C ILE C 84 -27.10 -15.24 6.70
N ALA C 85 -26.64 -15.46 7.92
CA ALA C 85 -26.59 -14.44 8.93
C ALA C 85 -25.15 -14.00 9.05
N HIS C 86 -24.86 -12.73 8.77
CA HIS C 86 -23.51 -12.26 9.06
C HIS C 86 -23.44 -11.87 10.53
N VAL C 87 -22.61 -12.60 11.26
CA VAL C 87 -22.54 -12.51 12.70
C VAL C 87 -21.19 -11.98 13.13
N GLY C 88 -20.35 -11.62 12.16
CA GLY C 88 -18.95 -11.36 12.44
C GLY C 88 -18.76 -10.12 13.28
N CYS C 89 -17.84 -10.23 14.24
CA CYS C 89 -17.37 -9.10 15.04
C CYS C 89 -15.85 -9.24 15.21
N VAL C 90 -15.23 -8.22 15.74
CA VAL C 90 -13.83 -8.27 16.14
C VAL C 90 -13.72 -9.29 17.25
N SER C 91 -14.59 -9.21 18.26
CA SER C 91 -14.56 -10.14 19.39
C SER C 91 -15.08 -11.48 18.95
N THR C 92 -14.35 -12.54 19.28
CA THR C 92 -14.87 -13.87 19.10
C THR C 92 -16.14 -14.05 19.92
N ALA C 93 -16.08 -13.76 21.20
CA ALA C 93 -17.21 -13.95 22.11
C ALA C 93 -18.50 -13.28 21.61
N GLU C 94 -18.38 -12.05 21.13
CA GLU C 94 -19.52 -11.33 20.56
C GLU C 94 -19.99 -11.95 19.25
N SER C 95 -19.06 -12.50 18.46
CA SER C 95 -19.44 -13.14 17.22
C SER C 95 -20.18 -14.43 17.57
N GLN C 96 -19.67 -15.11 18.59
CA GLN C 96 -20.32 -16.29 19.14
C GLN C 96 -21.72 -16.01 19.69
N GLN C 97 -21.98 -14.86 20.32
CA GLN C 97 -23.36 -14.52 20.74
C GLN C 97 -24.29 -14.52 19.51
N LEU C 98 -23.84 -13.84 18.45
CA LEU C 98 -24.65 -13.71 17.22
C LEU C 98 -24.90 -15.02 16.44
N ALA C 99 -24.01 -16.00 16.53
CA ALA C 99 -24.18 -17.23 15.75
C ALA C 99 -25.24 -18.15 16.37
N ALA C 100 -25.07 -18.52 17.64
CA ALA C 100 -26.12 -19.20 18.40
C ALA C 100 -27.44 -18.48 18.21
N SER C 101 -27.45 -17.15 18.25
CA SER C 101 -28.68 -16.43 17.99
C SER C 101 -29.22 -16.71 16.61
N ALA C 102 -28.35 -16.61 15.60
CA ALA C 102 -28.68 -17.06 14.24
C ALA C 102 -29.20 -18.53 14.23
N LYS C 103 -28.59 -19.41 15.00
CA LYS C 103 -29.09 -20.80 15.11
C LYS C 103 -30.52 -20.90 15.72
N ARG C 104 -30.80 -20.07 16.72
CA ARG C 104 -32.14 -19.99 17.34
C ARG C 104 -33.22 -19.49 16.38
N TYR C 105 -32.87 -18.51 15.54
CA TYR C 105 -33.85 -17.97 14.57
C TYR C 105 -34.08 -18.85 13.31
N GLY C 106 -33.34 -19.94 13.18
CA GLY C 106 -33.56 -20.87 12.09
C GLY C 106 -32.93 -20.51 10.74
N PHE C 107 -31.90 -19.66 10.77
CA PHE C 107 -31.09 -19.35 9.59
C PHE C 107 -30.45 -20.59 8.98
N ASP C 108 -30.07 -20.52 7.71
CA ASP C 108 -29.44 -21.67 7.04
C ASP C 108 -27.93 -21.68 7.25
N ALA C 109 -27.36 -20.51 7.55
CA ALA C 109 -25.91 -20.36 7.57
C ALA C 109 -25.46 -19.11 8.33
N VAL C 110 -24.24 -19.18 8.85
CA VAL C 110 -23.61 -17.97 9.37
C VAL C 110 -22.46 -17.51 8.45
N SER C 111 -22.01 -16.30 8.67
CA SER C 111 -20.91 -15.75 7.92
C SER C 111 -20.15 -14.84 8.85
N ALA C 112 -18.87 -14.64 8.57
CA ALA C 112 -18.10 -13.64 9.28
C ALA C 112 -16.93 -13.08 8.46
N VAL C 113 -16.74 -11.79 8.58
CA VAL C 113 -15.60 -11.12 7.97
C VAL C 113 -14.44 -11.34 8.90
N THR C 114 -13.25 -11.50 8.34
CA THR C 114 -12.00 -11.50 9.08
C THR C 114 -12.02 -10.41 10.15
N PRO C 115 -11.79 -10.79 11.41
CA PRO C 115 -11.71 -9.75 12.44
C PRO C 115 -10.66 -8.71 12.11
N PHE C 116 -10.96 -7.45 12.46
CA PHE C 116 -10.23 -6.29 11.91
C PHE C 116 -9.74 -5.33 13.00
N TYR C 117 -9.25 -4.16 12.57
CA TYR C 117 -8.61 -3.16 13.46
C TYR C 117 -7.27 -3.62 14.06
N TYR C 118 -7.27 -4.66 14.89
CA TYR C 118 -6.04 -5.24 15.44
C TYR C 118 -5.47 -6.24 14.45
N PRO C 119 -4.16 -6.20 14.15
CA PRO C 119 -3.70 -7.37 13.43
C PRO C 119 -3.80 -8.61 14.27
N PHE C 120 -4.21 -9.73 13.64
CA PHE C 120 -4.20 -11.06 14.25
C PHE C 120 -3.39 -11.99 13.36
N SER C 121 -2.61 -12.86 13.99
CA SER C 121 -1.91 -13.91 13.23
C SER C 121 -2.91 -14.80 12.57
N PHE C 122 -2.47 -15.49 11.53
CA PHE C 122 -3.39 -16.31 10.77
C PHE C 122 -3.92 -17.47 11.61
N GLU C 123 -3.11 -17.94 12.56
CA GLU C 123 -3.53 -18.96 13.51
C GLU C 123 -4.71 -18.45 14.32
N GLU C 124 -4.66 -17.18 14.69
CA GLU C 124 -5.72 -16.58 15.49
C GLU C 124 -7.01 -16.45 14.69
N HIS C 125 -6.90 -16.18 13.40
CA HIS C 125 -8.08 -16.14 12.53
C HIS C 125 -8.80 -17.50 12.47
N CYS C 126 -8.06 -18.58 12.26
CA CYS C 126 -8.66 -19.91 12.15
C CYS C 126 -9.44 -20.27 13.41
N ASP C 127 -8.83 -20.04 14.56
CA ASP C 127 -9.52 -20.26 15.86
C ASP C 127 -10.79 -19.44 16.04
N HIS C 128 -10.75 -18.22 15.56
CA HIS C 128 -11.91 -17.32 15.56
C HIS C 128 -13.03 -17.97 14.72
N TYR C 129 -12.65 -18.47 13.53
CA TYR C 129 -13.60 -19.20 12.69
C TYR C 129 -14.04 -20.50 13.36
N ARG C 130 -13.06 -21.28 13.82
CA ARG C 130 -13.31 -22.49 14.59
C ARG C 130 -14.31 -22.31 15.74
N ALA C 131 -14.31 -21.15 16.39
CA ALA C 131 -15.15 -20.92 17.57
C ALA C 131 -16.56 -20.48 17.21
N ILE C 132 -16.68 -19.63 16.19
CA ILE C 132 -17.98 -19.19 15.73
C ILE C 132 -18.74 -20.41 15.20
N ILE C 133 -18.01 -21.28 14.50
CA ILE C 133 -18.55 -22.54 13.99
C ILE C 133 -19.17 -23.41 15.11
N ASP C 134 -18.48 -23.54 16.24
CA ASP C 134 -19.03 -24.20 17.43
C ASP C 134 -20.30 -23.54 17.96
N SER C 135 -20.40 -22.22 17.85
CA SER C 135 -21.52 -21.52 18.45
C SER C 135 -22.72 -21.52 17.53
N ALA C 136 -22.51 -21.81 16.24
CA ALA C 136 -23.62 -21.92 15.28
C ALA C 136 -24.22 -23.35 15.28
N ASP C 137 -23.50 -24.30 15.85
CA ASP C 137 -24.08 -25.60 16.24
C ASP C 137 -24.69 -26.31 15.05
N GLY C 138 -23.88 -26.44 13.99
CA GLY C 138 -24.28 -27.18 12.80
C GLY C 138 -24.66 -26.34 11.60
N LEU C 139 -24.71 -25.01 11.74
CA LEU C 139 -24.98 -24.16 10.59
C LEU C 139 -23.68 -24.02 9.77
N PRO C 140 -23.74 -24.27 8.45
CA PRO C 140 -22.55 -24.06 7.62
C PRO C 140 -22.00 -22.64 7.74
N MET C 141 -20.68 -22.51 7.71
CA MET C 141 -20.00 -21.22 7.88
C MET C 141 -19.51 -20.70 6.56
N VAL C 142 -19.92 -19.46 6.23
CA VAL C 142 -19.37 -18.74 5.10
C VAL C 142 -18.27 -17.76 5.51
N VAL C 143 -17.01 -18.13 5.25
CA VAL C 143 -15.86 -17.24 5.49
C VAL C 143 -15.87 -16.06 4.54
N ALA C 144 -15.76 -14.84 5.08
CA ALA C 144 -15.95 -13.64 4.27
C ALA C 144 -14.65 -12.86 4.13
N ASN C 145 -14.04 -12.95 2.95
CA ASN C 145 -12.80 -12.26 2.61
C ASN C 145 -13.05 -10.88 2.00
N ILE C 146 -12.90 -9.80 2.79
CA ILE C 146 -13.08 -8.44 2.25
C ILE C 146 -11.94 -7.48 2.58
N PRO C 147 -10.82 -7.62 1.85
CA PRO C 147 -9.64 -6.78 2.02
C PRO C 147 -9.86 -5.26 2.05
N ALA C 148 -10.63 -4.70 1.12
CA ALA C 148 -10.81 -3.23 1.06
C ALA C 148 -11.26 -2.62 2.38
N LEU C 149 -12.19 -3.29 3.04
CA LEU C 149 -12.72 -2.85 4.32
C LEU C 149 -11.96 -3.45 5.51
N SER C 150 -11.74 -4.77 5.51
CA SER C 150 -11.13 -5.41 6.71
C SER C 150 -9.68 -5.05 6.93
N GLY C 151 -8.95 -4.85 5.84
CA GLY C 151 -7.53 -4.58 5.92
C GLY C 151 -6.70 -5.85 6.01
N VAL C 152 -7.36 -6.99 6.10
CA VAL C 152 -6.68 -8.29 6.21
C VAL C 152 -6.36 -8.80 4.81
N LYS C 153 -5.15 -9.32 4.62
CA LYS C 153 -4.64 -9.67 3.29
C LYS C 153 -4.31 -11.18 3.17
N LEU C 154 -5.33 -12.00 3.06
CA LEU C 154 -5.14 -13.44 3.02
C LEU C 154 -4.43 -13.93 1.76
N THR C 155 -3.51 -14.87 1.95
CA THR C 155 -2.87 -15.55 0.86
C THR C 155 -3.74 -16.72 0.42
N LEU C 156 -3.43 -17.26 -0.77
CA LEU C 156 -4.17 -18.38 -1.34
C LEU C 156 -4.07 -19.62 -0.45
N ASP C 157 -2.88 -19.90 0.07
CA ASP C 157 -2.72 -20.98 1.05
C ASP C 157 -3.54 -20.75 2.32
N GLN C 158 -3.62 -19.49 2.74
CA GLN C 158 -4.45 -19.12 3.88
C GLN C 158 -5.94 -19.22 3.56
N ILE C 159 -6.34 -18.86 2.34
CA ILE C 159 -7.72 -19.09 1.92
C ILE C 159 -8.02 -20.58 1.83
N ASN C 160 -7.06 -21.34 1.31
CA ASN C 160 -7.25 -22.79 1.15
C ASN C 160 -7.44 -23.48 2.49
N THR C 161 -6.69 -23.01 3.50
CA THR C 161 -6.78 -23.47 4.89
C THR C 161 -8.12 -23.12 5.54
N LEU C 162 -8.59 -21.90 5.28
CA LEU C 162 -9.85 -21.43 5.88
C LEU C 162 -11.08 -22.19 5.39
N VAL C 163 -11.14 -22.52 4.11
CA VAL C 163 -12.32 -23.22 3.56
C VAL C 163 -12.32 -24.73 3.86
N THR C 164 -11.20 -25.23 4.39
CA THR C 164 -11.08 -26.64 4.78
C THR C 164 -11.32 -26.86 6.27
N LEU C 165 -11.52 -25.79 7.04
CA LEU C 165 -11.83 -25.97 8.45
C LEU C 165 -13.19 -26.65 8.55
N PRO C 166 -13.33 -27.59 9.51
CA PRO C 166 -14.61 -28.25 9.72
C PRO C 166 -15.76 -27.27 9.91
N GLY C 167 -16.80 -27.42 9.09
CA GLY C 167 -17.99 -26.59 9.18
C GLY C 167 -18.05 -25.39 8.23
N VAL C 168 -17.02 -25.19 7.43
CA VAL C 168 -17.01 -24.09 6.46
C VAL C 168 -17.53 -24.63 5.15
N GLY C 169 -18.64 -24.06 4.70
CA GLY C 169 -19.34 -24.48 3.50
C GLY C 169 -19.11 -23.58 2.30
N ALA C 170 -18.67 -22.34 2.54
CA ALA C 170 -18.61 -21.34 1.48
C ALA C 170 -17.58 -20.24 1.74
N LEU C 171 -17.34 -19.48 0.70
CA LEU C 171 -16.43 -18.33 0.75
C LEU C 171 -17.09 -17.18 0.05
N KPI C 172 -17.12 -16.03 0.69
CA KPI C 172 -17.57 -14.79 0.06
CB KPI C 172 -18.44 -13.97 1.01
CG KPI C 172 -19.16 -12.82 0.34
CD KPI C 172 -19.47 -11.76 1.34
CE KPI C 172 -20.10 -10.59 0.70
NZ KPI C 172 -20.46 -9.62 1.73
CX1 KPI C 172 -21.24 -8.60 1.44
C1 KPI C 172 -22.06 -8.57 0.17
CX2 KPI C 172 -21.30 -7.42 2.40
O1 KPI C 172 -22.04 -6.44 2.13
O2 KPI C 172 -20.63 -7.52 3.45
C KPI C 172 -16.32 -14.02 -0.32
O KPI C 172 -15.60 -13.51 0.54
N GLN C 173 -16.05 -13.99 -1.62
CA GLN C 173 -14.79 -13.52 -2.14
C GLN C 173 -14.96 -12.12 -2.71
N THR C 174 -14.89 -11.15 -1.84
CA THR C 174 -14.92 -9.76 -2.24
C THR C 174 -13.47 -9.36 -2.39
N SER C 175 -12.90 -9.90 -3.47
CA SER C 175 -11.66 -9.42 -4.08
C SER C 175 -11.97 -9.15 -5.54
N GLY C 176 -11.18 -8.29 -6.15
CA GLY C 176 -11.19 -8.09 -7.61
C GLY C 176 -10.22 -9.03 -8.36
N ASP C 177 -9.46 -9.82 -7.59
CA ASP C 177 -8.43 -10.68 -8.16
C ASP C 177 -9.04 -11.99 -8.67
N LEU C 178 -9.37 -12.02 -9.97
CA LEU C 178 -10.00 -13.17 -10.62
C LEU C 178 -9.03 -14.24 -11.12
N TYR C 179 -7.75 -14.06 -10.84
CA TYR C 179 -6.78 -15.14 -10.97
C TYR C 179 -6.97 -16.04 -9.76
N GLN C 180 -7.17 -15.40 -8.62
CA GLN C 180 -7.38 -16.07 -7.34
C GLN C 180 -8.73 -16.79 -7.35
N MET C 181 -9.75 -16.14 -7.88
CA MET C 181 -11.07 -16.74 -8.02
C MET C 181 -10.98 -18.10 -8.73
N GLU C 182 -10.16 -18.14 -9.77
CA GLU C 182 -9.97 -19.35 -10.53
C GLU C 182 -9.15 -20.37 -9.74
N GLN C 183 -8.06 -19.91 -9.14
CA GLN C 183 -7.20 -20.75 -8.31
C GLN C 183 -8.00 -21.50 -7.22
N ILE C 184 -8.96 -20.79 -6.64
CA ILE C 184 -9.76 -21.30 -5.51
C ILE C 184 -10.69 -22.42 -6.01
N ARG C 185 -11.41 -22.14 -7.09
CA ARG C 185 -12.24 -23.13 -7.75
C ARG C 185 -11.48 -24.44 -8.05
N ARG C 186 -10.26 -24.27 -8.55
CA ARG C 186 -9.38 -25.38 -8.92
C ARG C 186 -8.99 -26.24 -7.72
N GLU C 187 -8.72 -25.58 -6.60
CA GLU C 187 -8.41 -26.32 -5.38
C GLU C 187 -9.68 -26.97 -4.78
N HIS C 188 -10.83 -26.31 -4.94
CA HIS C 188 -12.08 -26.74 -4.30
C HIS C 188 -13.21 -26.75 -5.31
N PRO C 189 -13.32 -27.85 -6.06
CA PRO C 189 -14.33 -27.93 -7.07
C PRO C 189 -15.77 -27.87 -6.50
N ASP C 190 -16.00 -28.35 -5.28
CA ASP C 190 -17.37 -28.32 -4.71
C ASP C 190 -17.63 -27.17 -3.75
N LEU C 191 -16.65 -26.29 -3.56
CA LEU C 191 -16.81 -25.11 -2.71
C LEU C 191 -17.90 -24.21 -3.24
N VAL C 192 -18.76 -23.70 -2.35
CA VAL C 192 -19.72 -22.65 -2.72
C VAL C 192 -19.01 -21.29 -2.77
N LEU C 193 -18.90 -20.72 -3.97
CA LEU C 193 -18.04 -19.54 -4.19
C LEU C 193 -18.81 -18.30 -4.65
N TYR C 194 -19.07 -17.40 -3.72
CA TYR C 194 -19.85 -16.20 -4.00
C TYR C 194 -18.92 -15.09 -4.47
N ASN C 195 -19.29 -14.46 -5.59
CA ASN C 195 -18.66 -13.25 -6.08
C ASN C 195 -19.13 -12.02 -5.31
N GLY C 196 -18.18 -11.26 -4.80
CA GLY C 196 -18.48 -10.23 -3.84
C GLY C 196 -18.56 -8.87 -4.44
N TYR C 197 -17.79 -8.63 -5.50
CA TYR C 197 -17.87 -7.38 -6.24
C TYR C 197 -18.81 -7.49 -7.44
N ASP C 198 -19.89 -6.72 -7.37
CA ASP C 198 -21.02 -6.76 -8.30
C ASP C 198 -20.64 -6.19 -9.65
N GLU C 199 -19.57 -5.42 -9.65
CA GLU C 199 -19.17 -4.69 -10.82
C GLU C 199 -18.33 -5.57 -11.73
N ILE C 200 -17.90 -6.74 -11.23
CA ILE C 200 -17.32 -7.82 -12.07
C ILE C 200 -18.14 -9.13 -12.16
N PHE C 201 -19.31 -9.22 -11.51
CA PHE C 201 -20.12 -10.47 -11.41
C PHE C 201 -19.89 -11.45 -12.58
N ALA C 202 -20.23 -11.05 -13.80
CA ALA C 202 -20.15 -11.97 -14.95
C ALA C 202 -18.73 -12.55 -15.18
N SER C 203 -17.73 -11.67 -15.12
CA SER C 203 -16.32 -12.06 -15.22
C SER C 203 -15.89 -12.90 -13.99
N GLY C 204 -16.53 -12.69 -12.85
CA GLY C 204 -16.26 -13.52 -11.67
C GLY C 204 -16.81 -14.92 -11.81
N LEU C 205 -18.00 -15.01 -12.39
CA LEU C 205 -18.57 -16.32 -12.78
C LEU C 205 -17.68 -17.04 -13.79
N LEU C 206 -17.17 -16.31 -14.81
CA LEU C 206 -16.32 -16.95 -15.81
C LEU C 206 -15.04 -17.52 -15.19
N ALA C 207 -14.43 -16.78 -14.27
CA ALA C 207 -13.26 -17.26 -13.51
C ALA C 207 -13.54 -18.46 -12.60
N GLY C 208 -14.81 -18.70 -12.28
CA GLY C 208 -15.19 -19.90 -11.51
C GLY C 208 -15.95 -19.70 -10.20
N ALA C 209 -16.59 -18.53 -10.01
CA ALA C 209 -17.60 -18.38 -8.98
C ALA C 209 -18.83 -19.16 -9.44
N ASP C 210 -19.61 -19.68 -8.49
CA ASP C 210 -20.89 -20.34 -8.83
C ASP C 210 -22.09 -19.60 -8.29
N GLY C 211 -21.88 -18.41 -7.74
CA GLY C 211 -22.95 -17.45 -7.47
C GLY C 211 -22.38 -16.14 -6.96
N GLY C 212 -23.22 -15.36 -6.26
CA GLY C 212 -22.80 -14.06 -5.75
C GLY C 212 -23.52 -13.53 -4.51
N ILE C 213 -22.88 -12.56 -3.87
CA ILE C 213 -23.46 -11.81 -2.78
C ILE C 213 -23.17 -10.32 -3.05
N GLY C 214 -24.19 -9.46 -2.95
CA GLY C 214 -23.95 -8.06 -3.26
C GLY C 214 -25.02 -7.05 -2.89
N SER C 215 -24.55 -5.87 -2.54
CA SER C 215 -25.39 -4.76 -2.15
C SER C 215 -26.38 -4.33 -3.24
N THR C 216 -26.00 -4.37 -4.50
CA THR C 216 -26.91 -3.91 -5.55
C THR C 216 -28.00 -4.93 -5.92
N TYR C 217 -27.86 -6.22 -5.53
CA TYR C 217 -28.93 -7.16 -5.79
C TYR C 217 -30.23 -6.67 -5.12
N ASN C 218 -30.11 -5.78 -4.14
CA ASN C 218 -31.26 -5.18 -3.44
C ASN C 218 -32.23 -4.46 -4.36
N ILE C 219 -31.68 -3.77 -5.36
CA ILE C 219 -32.51 -3.00 -6.32
C ILE C 219 -32.58 -3.60 -7.70
N MET C 220 -31.66 -4.49 -8.07
CA MET C 220 -31.68 -5.08 -9.42
C MET C 220 -31.10 -6.48 -9.50
N GLY C 221 -31.27 -7.26 -8.43
CA GLY C 221 -30.93 -8.69 -8.43
C GLY C 221 -31.33 -9.54 -9.64
N TRP C 222 -32.40 -9.17 -10.35
CA TRP C 222 -32.88 -9.96 -11.50
C TRP C 222 -31.93 -9.87 -12.70
N ARG C 223 -31.32 -8.70 -12.89
CA ARG C 223 -30.22 -8.55 -13.84
C ARG C 223 -29.11 -9.59 -13.57
N TYR C 224 -28.76 -9.75 -12.29
CA TYR C 224 -27.65 -10.66 -11.89
C TYR C 224 -28.06 -12.11 -12.12
N GLN C 225 -29.34 -12.41 -11.90
CA GLN C 225 -29.90 -13.69 -12.36
C GLN C 225 -30.01 -13.75 -13.89
N GLY C 226 -30.30 -12.62 -14.54
CA GLY C 226 -30.20 -12.54 -16.00
C GLY C 226 -28.82 -12.94 -16.52
N ILE C 227 -27.78 -12.53 -15.80
CA ILE C 227 -26.40 -12.81 -16.17
C ILE C 227 -26.01 -14.29 -16.02
N VAL C 228 -26.38 -14.88 -14.89
CA VAL C 228 -26.23 -16.32 -14.61
C VAL C 228 -26.88 -17.17 -15.71
N LYS C 229 -28.09 -16.78 -16.11
CA LYS C 229 -28.81 -17.49 -17.17
C LYS C 229 -28.07 -17.34 -18.48
N ALA C 230 -27.93 -16.08 -18.93
CA ALA C 230 -27.20 -15.75 -20.15
C ALA C 230 -25.96 -16.62 -20.35
N LEU C 231 -25.07 -16.60 -19.36
CA LEU C 231 -23.83 -17.39 -19.36
C LEU C 231 -24.10 -18.87 -19.55
N LYS C 232 -25.02 -19.40 -18.76
CA LYS C 232 -25.50 -20.78 -18.93
C LYS C 232 -26.11 -21.02 -20.33
N GLU C 233 -26.82 -20.04 -20.88
CA GLU C 233 -27.31 -20.09 -22.28
C GLU C 233 -26.16 -20.03 -23.30
N GLY C 234 -24.97 -19.61 -22.85
CA GLY C 234 -23.86 -19.33 -23.76
C GLY C 234 -24.05 -18.01 -24.50
N ASP C 235 -25.10 -17.27 -24.16
CA ASP C 235 -25.35 -15.95 -24.74
C ASP C 235 -24.41 -14.99 -24.03
N ILE C 236 -23.46 -14.44 -24.78
CA ILE C 236 -22.43 -13.59 -24.22
C ILE C 236 -22.80 -12.12 -24.34
N GLN C 237 -23.42 -11.74 -25.45
CA GLN C 237 -23.81 -10.34 -25.65
C GLN C 237 -24.75 -9.88 -24.53
N THR C 238 -25.72 -10.73 -24.21
CA THR C 238 -26.67 -10.52 -23.10
C THR C 238 -25.97 -10.37 -21.76
N ALA C 239 -25.07 -11.32 -21.48
CA ALA C 239 -24.29 -11.30 -20.27
C ALA C 239 -23.42 -10.02 -20.18
N GLN C 240 -22.88 -9.56 -21.31
CA GLN C 240 -22.08 -8.35 -21.31
C GLN C 240 -22.95 -7.10 -21.19
N LYS C 241 -24.12 -7.12 -21.83
CA LYS C 241 -25.06 -5.99 -21.73
C LYS C 241 -25.59 -5.85 -20.30
N LEU C 242 -25.91 -6.97 -19.68
CA LEU C 242 -26.46 -6.89 -18.32
C LEU C 242 -25.36 -6.38 -17.38
N GLN C 243 -24.18 -7.00 -17.44
CA GLN C 243 -23.06 -6.55 -16.63
C GLN C 243 -22.79 -5.06 -16.82
N THR C 244 -22.77 -4.60 -18.07
CA THR C 244 -22.51 -3.20 -18.37
C THR C 244 -23.61 -2.28 -17.86
N GLU C 245 -24.84 -2.79 -17.86
CA GLU C 245 -25.97 -2.08 -17.27
C GLU C 245 -25.90 -2.00 -15.75
N CYS C 246 -25.42 -3.08 -15.12
CA CYS C 246 -25.20 -3.05 -13.68
C CYS C 246 -24.11 -2.04 -13.36
N ASN C 247 -23.03 -2.10 -14.13
CA ASN C 247 -21.91 -1.19 -13.91
C ASN C 247 -22.31 0.26 -14.16
N LYS C 248 -23.27 0.50 -15.06
CA LYS C 248 -23.85 1.87 -15.24
C LYS C 248 -24.54 2.40 -13.99
N VAL C 249 -25.24 1.52 -13.29
CA VAL C 249 -25.84 1.87 -12.02
C VAL C 249 -24.75 1.97 -10.95
N ILE C 250 -23.90 0.95 -10.86
CA ILE C 250 -22.86 0.96 -9.84
C ILE C 250 -21.98 2.20 -9.92
N ASP C 251 -21.68 2.65 -11.14
CA ASP C 251 -20.99 3.93 -11.33
C ASP C 251 -21.67 5.03 -10.52
N LEU C 252 -23.00 5.10 -10.57
CA LEU C 252 -23.72 6.21 -9.91
C LEU C 252 -23.79 5.99 -8.40
N LEU C 253 -23.92 4.73 -7.99
CA LEU C 253 -23.95 4.38 -6.56
C LEU C 253 -22.62 4.73 -5.86
N ILE C 254 -21.50 4.65 -6.57
CA ILE C 254 -20.22 5.08 -5.97
C ILE C 254 -20.10 6.63 -5.93
N LYS C 255 -20.67 7.33 -6.88
CA LYS C 255 -20.71 8.80 -6.76
C LYS C 255 -21.57 9.19 -5.54
N THR C 256 -22.73 8.58 -5.41
CA THR C 256 -23.64 8.80 -4.28
C THR C 256 -23.12 8.25 -2.94
N GLY C 257 -22.27 7.23 -2.99
CA GLY C 257 -22.01 6.39 -1.81
C GLY C 257 -23.00 5.26 -1.91
N VAL C 258 -22.52 4.04 -2.06
CA VAL C 258 -23.37 2.92 -2.46
C VAL C 258 -24.51 2.60 -1.50
N PHE C 259 -24.24 2.57 -0.20
CA PHE C 259 -25.29 2.15 0.73
C PHE C 259 -26.46 3.15 0.79
N ARG C 260 -26.16 4.43 0.93
CA ARG C 260 -27.22 5.46 0.93
C ARG C 260 -27.85 5.61 -0.47
N GLY C 261 -27.07 5.29 -1.49
CA GLY C 261 -27.59 5.24 -2.84
C GLY C 261 -28.65 4.20 -2.99
N LEU C 262 -28.34 2.98 -2.56
CA LEU C 262 -29.29 1.89 -2.63
C LEU C 262 -30.55 2.16 -1.81
N LYS C 263 -30.40 2.83 -0.66
CA LYS C 263 -31.55 3.11 0.21
C LYS C 263 -32.47 4.16 -0.41
N THR C 264 -31.88 5.06 -1.19
CA THR C 264 -32.61 6.10 -1.87
C THR C 264 -33.33 5.56 -3.10
N VAL C 265 -32.72 4.63 -3.83
CA VAL C 265 -33.42 3.97 -4.95
C VAL C 265 -34.65 3.26 -4.43
N LEU C 266 -34.45 2.44 -3.39
CA LEU C 266 -35.53 1.76 -2.65
C LEU C 266 -36.54 2.69 -1.97
N HIS C 267 -36.13 3.92 -1.66
CA HIS C 267 -37.01 4.94 -1.07
C HIS C 267 -37.97 5.52 -2.12
N TYR C 268 -37.48 5.69 -3.34
CA TYR C 268 -38.33 6.07 -4.48
C TYR C 268 -39.06 4.88 -5.10
N MET C 269 -38.59 3.66 -4.80
CA MET C 269 -39.39 2.46 -5.05
C MET C 269 -40.44 2.31 -3.91
N ASP C 270 -40.61 3.36 -3.11
CA ASP C 270 -41.51 3.41 -1.93
C ASP C 270 -41.43 2.09 -1.09
N VAL C 271 -40.21 1.66 -0.77
CA VAL C 271 -39.95 0.40 -0.01
C VAL C 271 -39.30 0.72 1.35
N VAL C 272 -38.26 1.56 1.32
CA VAL C 272 -37.55 2.05 2.52
C VAL C 272 -38.04 3.46 2.88
N SER C 273 -38.52 3.64 4.10
CA SER C 273 -39.23 4.87 4.50
C SER C 273 -38.36 6.09 4.50
N VAL C 274 -37.18 5.97 5.08
CA VAL C 274 -36.24 7.10 5.13
C VAL C 274 -34.84 6.61 4.75
N PRO C 275 -34.20 7.28 3.76
CA PRO C 275 -32.97 6.76 3.14
C PRO C 275 -31.65 7.02 3.91
N LEU C 276 -31.63 6.84 5.23
CA LEU C 276 -30.47 7.20 6.02
C LEU C 276 -29.63 5.99 6.43
N CYS C 277 -28.34 6.11 6.19
CA CYS C 277 -27.33 5.28 6.84
C CYS C 277 -27.00 5.90 8.18
N ARG C 278 -26.46 5.11 9.11
CA ARG C 278 -26.06 5.64 10.41
C ARG C 278 -24.81 6.52 10.35
N LYS C 279 -24.76 7.51 11.26
CA LYS C 279 -23.60 8.37 11.46
C LYS C 279 -22.46 7.52 12.02
N PRO C 280 -21.22 7.74 11.56
CA PRO C 280 -20.73 8.91 10.83
C PRO C 280 -21.05 9.06 9.34
N PHE C 281 -21.70 8.09 8.68
CA PHE C 281 -22.16 8.29 7.30
C PHE C 281 -23.04 9.52 7.25
N GLY C 282 -23.01 10.21 6.13
CA GLY C 282 -23.88 11.36 5.90
C GLY C 282 -25.00 10.98 4.96
N PRO C 283 -25.95 11.90 4.79
CA PRO C 283 -26.98 11.71 3.78
C PRO C 283 -26.44 11.90 2.35
N VAL C 284 -27.27 11.61 1.36
CA VAL C 284 -26.86 11.72 -0.05
C VAL C 284 -26.74 13.19 -0.44
N ASP C 285 -25.67 13.56 -1.15
CA ASP C 285 -25.54 14.94 -1.64
C ASP C 285 -26.85 15.30 -2.32
N GLU C 286 -27.46 16.41 -1.87
CA GLU C 286 -28.83 16.77 -2.28
C GLU C 286 -28.98 16.78 -3.81
N LYS C 287 -27.95 17.30 -4.46
CA LYS C 287 -27.93 17.46 -5.92
C LYS C 287 -27.81 16.17 -6.74
N TYR C 288 -28.02 14.99 -6.13
CA TYR C 288 -27.98 13.72 -6.86
C TYR C 288 -29.34 13.07 -6.97
N LEU C 289 -30.33 13.67 -6.29
CA LEU C 289 -31.67 13.10 -6.17
C LEU C 289 -32.37 12.80 -7.50
N PRO C 290 -32.22 13.70 -8.51
CA PRO C 290 -32.92 13.43 -9.76
C PRO C 290 -32.49 12.13 -10.42
N GLU C 291 -31.20 11.86 -10.46
CA GLU C 291 -30.72 10.60 -11.05
C GLU C 291 -31.25 9.39 -10.32
N LEU C 292 -31.09 9.37 -9.01
CA LEU C 292 -31.51 8.21 -8.24
C LEU C 292 -33.01 8.01 -8.39
N LYS C 293 -33.76 9.11 -8.44
CA LYS C 293 -35.20 9.04 -8.77
C LYS C 293 -35.45 8.34 -10.10
N ALA C 294 -34.86 8.88 -11.17
CA ALA C 294 -35.05 8.31 -12.52
C ALA C 294 -34.65 6.84 -12.56
N LEU C 295 -33.51 6.50 -11.96
CA LEU C 295 -33.05 5.11 -11.91
C LEU C 295 -34.07 4.17 -11.24
N ALA C 296 -34.77 4.67 -10.22
CA ALA C 296 -35.79 3.88 -9.52
C ALA C 296 -36.99 3.64 -10.43
N GLN C 297 -37.53 4.73 -10.96
CA GLN C 297 -38.61 4.71 -11.98
C GLN C 297 -38.21 3.76 -13.09
N GLN C 298 -37.00 3.97 -13.59
CA GLN C 298 -36.39 3.11 -14.58
C GLN C 298 -36.51 1.65 -14.14
N LEU C 299 -35.92 1.33 -12.99
CA LEU C 299 -35.81 -0.07 -12.57
C LEU C 299 -37.16 -0.73 -12.25
N MET C 300 -38.12 0.07 -11.80
CA MET C 300 -39.47 -0.44 -11.55
C MET C 300 -40.17 -0.78 -12.88
N GLN C 301 -40.15 0.16 -13.83
CA GLN C 301 -40.66 -0.08 -15.18
C GLN C 301 -40.06 -1.35 -15.79
N GLU C 302 -38.80 -1.64 -15.45
CA GLU C 302 -38.09 -2.81 -15.98
C GLU C 302 -38.60 -4.13 -15.39
N ARG C 303 -38.77 -4.17 -14.07
CA ARG C 303 -39.22 -5.37 -13.37
C ARG C 303 -40.73 -5.51 -13.41
N HIS D 5 32.37 -6.16 12.37
CA HIS D 5 32.84 -4.79 12.72
C HIS D 5 33.01 -3.96 11.45
N HIS D 6 32.52 -2.72 11.50
CA HIS D 6 32.48 -1.83 10.35
C HIS D 6 33.53 -0.72 10.46
N HIS D 7 34.60 -0.99 11.20
CA HIS D 7 35.67 -0.01 11.37
C HIS D 7 36.40 0.29 10.05
N HIS D 8 36.20 -0.58 9.06
CA HIS D 8 36.84 -0.46 7.75
C HIS D 8 36.40 0.77 6.92
N ALA D 9 35.17 1.24 7.11
CA ALA D 9 34.64 2.41 6.38
C ALA D 9 34.32 3.61 7.28
N THR D 10 34.87 3.58 8.50
CA THR D 10 34.72 4.66 9.50
C THR D 10 35.08 6.08 8.99
N ASN D 11 36.00 6.16 8.01
CA ASN D 11 36.37 7.44 7.39
C ASN D 11 35.26 8.12 6.57
N LEU D 12 34.16 7.41 6.33
CA LEU D 12 33.08 7.90 5.46
C LEU D 12 31.93 8.62 6.18
N ARG D 13 32.08 8.85 7.48
CA ARG D 13 30.99 9.38 8.29
C ARG D 13 30.92 10.92 8.23
N GLY D 14 29.73 11.46 8.15
CA GLY D 14 29.56 12.91 8.18
C GLY D 14 28.44 13.36 7.30
N VAL D 15 28.41 14.66 7.01
CA VAL D 15 27.34 15.25 6.22
C VAL D 15 27.80 15.45 4.77
N MET D 16 27.03 14.86 3.87
CA MET D 16 27.45 14.70 2.48
C MET D 16 26.33 15.17 1.58
N ALA D 17 26.61 16.14 0.73
CA ALA D 17 25.62 16.63 -0.25
C ALA D 17 25.35 15.63 -1.39
N ALA D 18 24.08 15.40 -1.69
CA ALA D 18 23.69 14.60 -2.84
C ALA D 18 23.75 15.48 -4.07
N LEU D 19 24.78 15.27 -4.88
CA LEU D 19 25.10 16.19 -5.99
C LEU D 19 24.03 16.21 -7.05
N LEU D 20 23.53 17.41 -7.30
CA LEU D 20 22.55 17.61 -8.35
C LEU D 20 23.33 17.56 -9.68
N THR D 21 22.69 17.10 -10.77
CA THR D 21 23.32 17.09 -12.09
C THR D 21 22.78 18.26 -12.95
N PRO D 22 23.61 19.27 -13.23
CA PRO D 22 23.10 20.41 -14.05
C PRO D 22 22.96 20.12 -15.54
N PHE D 23 21.93 20.72 -16.17
CA PHE D 23 21.70 20.64 -17.60
C PHE D 23 21.41 21.99 -18.26
N ASP D 24 21.48 22.03 -19.60
CA ASP D 24 21.11 23.25 -20.37
C ASP D 24 19.72 23.12 -20.97
N GLN D 25 19.29 24.11 -21.77
CA GLN D 25 17.99 24.06 -22.44
C GLN D 25 17.97 23.05 -23.60
N GLN D 26 19.14 22.56 -24.00
CA GLN D 26 19.20 21.44 -24.94
C GLN D 26 19.01 20.12 -24.20
N GLN D 27 18.93 20.16 -22.86
CA GLN D 27 18.89 18.97 -21.98
C GLN D 27 20.25 18.22 -21.93
N ALA D 28 21.32 18.93 -22.28
CA ALA D 28 22.67 18.37 -22.22
C ALA D 28 23.25 18.66 -20.86
N LEU D 29 24.20 17.85 -20.47
CA LEU D 29 25.08 18.20 -19.39
C LEU D 29 25.66 19.61 -19.57
N ASP D 30 25.41 20.46 -18.57
CA ASP D 30 26.13 21.72 -18.36
C ASP D 30 27.32 21.50 -17.40
N LYS D 31 28.52 21.34 -17.96
CA LYS D 31 29.72 20.95 -17.20
C LYS D 31 30.32 22.10 -16.40
N ALA D 32 30.21 23.34 -16.90
CA ALA D 32 30.64 24.52 -16.15
C ALA D 32 29.73 24.80 -14.94
N SER D 33 28.48 24.37 -14.99
CA SER D 33 27.62 24.53 -13.80
C SER D 33 27.87 23.44 -12.76
N LEU D 34 28.20 22.24 -13.21
CA LEU D 34 28.66 21.15 -12.34
C LEU D 34 29.91 21.53 -11.54
N ARG D 35 30.98 21.94 -12.23
CA ARG D 35 32.19 22.49 -11.60
C ARG D 35 31.82 23.60 -10.63
N ARG D 36 31.00 24.55 -11.08
CA ARG D 36 30.60 25.64 -10.20
C ARG D 36 29.86 25.14 -8.97
N LEU D 37 29.01 24.12 -9.14
CA LEU D 37 28.23 23.62 -8.04
C LEU D 37 29.11 22.82 -7.09
N VAL D 38 30.05 22.04 -7.62
CA VAL D 38 30.95 21.30 -6.75
C VAL D 38 31.71 22.28 -5.86
N GLN D 39 32.43 23.22 -6.48
CA GLN D 39 33.25 24.14 -5.71
C GLN D 39 32.41 24.88 -4.68
N PHE D 40 31.20 25.26 -5.05
CA PHE D 40 30.24 25.87 -4.13
C PHE D 40 29.97 25.01 -2.89
N ASN D 41 29.72 23.73 -3.11
CA ASN D 41 29.57 22.82 -2.00
C ASN D 41 30.83 22.75 -1.15
N ILE D 42 32.00 22.71 -1.78
CA ILE D 42 33.26 22.51 -1.08
C ILE D 42 33.51 23.66 -0.11
N GLN D 43 33.10 24.86 -0.55
CA GLN D 43 33.31 26.09 0.23
C GLN D 43 32.21 26.36 1.26
N GLN D 44 31.07 25.70 1.12
CA GLN D 44 30.06 25.73 2.18
C GLN D 44 30.63 25.04 3.40
N GLY D 45 31.52 24.07 3.18
CA GLY D 45 32.13 23.33 4.28
C GLY D 45 31.52 21.94 4.41
N ILE D 46 31.20 21.33 3.28
CA ILE D 46 30.56 20.02 3.24
C ILE D 46 31.64 18.96 3.49
N ASP D 47 31.27 17.76 3.95
CA ASP D 47 32.27 16.71 4.19
C ASP D 47 32.50 15.81 2.95
N GLY D 48 31.71 16.02 1.91
CA GLY D 48 31.74 15.15 0.76
C GLY D 48 30.57 15.36 -0.16
N LEU D 49 30.58 14.66 -1.31
CA LEU D 49 29.47 14.68 -2.27
C LEU D 49 29.07 13.25 -2.62
N TYR D 50 27.78 13.05 -2.83
CA TYR D 50 27.21 11.78 -3.30
C TYR D 50 26.74 12.04 -4.71
N VAL D 51 27.44 11.47 -5.70
CA VAL D 51 27.27 11.84 -7.11
C VAL D 51 26.53 10.81 -7.92
N GLY D 52 25.61 11.30 -8.76
CA GLY D 52 24.80 10.47 -9.65
C GLY D 52 23.73 9.68 -8.92
N GLY D 53 23.15 10.26 -7.88
CA GLY D 53 22.12 9.61 -7.08
C GLY D 53 20.77 9.97 -7.64
N SER D 54 19.73 9.67 -6.89
CA SER D 54 18.38 10.03 -7.33
C SER D 54 18.33 11.55 -7.46
N THR D 55 18.84 12.23 -6.44
CA THR D 55 18.94 13.66 -6.47
C THR D 55 19.76 14.11 -7.70
N GLY D 56 20.70 13.26 -8.09
CA GLY D 56 21.48 13.43 -9.30
C GLY D 56 20.83 13.19 -10.64
N GLU D 57 19.59 12.67 -10.65
CA GLU D 57 18.82 12.36 -11.88
C GLU D 57 19.50 11.27 -12.70
N ALA D 58 20.06 10.30 -12.00
CA ALA D 58 20.86 9.27 -12.65
C ALA D 58 20.07 8.36 -13.58
N PHE D 59 18.77 8.27 -13.31
CA PHE D 59 17.92 7.38 -14.05
C PHE D 59 17.24 8.09 -15.21
N VAL D 60 17.74 9.28 -15.54
CA VAL D 60 17.46 9.89 -16.81
C VAL D 60 18.78 10.12 -17.56
N GLN D 61 19.83 9.41 -17.15
CA GLN D 61 21.13 9.57 -17.80
C GLN D 61 21.63 8.29 -18.43
N SER D 62 22.43 8.46 -19.48
CA SER D 62 23.19 7.38 -20.04
C SER D 62 24.37 7.09 -19.12
N LEU D 63 24.95 5.90 -19.29
CA LEU D 63 26.12 5.52 -18.50
C LEU D 63 27.27 6.50 -18.82
N SER D 64 27.50 6.76 -20.10
CA SER D 64 28.49 7.74 -20.53
C SER D 64 28.35 9.04 -19.80
N GLU D 65 27.12 9.58 -19.78
CA GLU D 65 26.90 10.89 -19.14
C GLU D 65 27.13 10.82 -17.62
N ARG D 66 26.83 9.68 -17.02
CA ARG D 66 27.13 9.48 -15.60
C ARG D 66 28.65 9.46 -15.41
N GLU D 67 29.36 8.72 -16.25
CA GLU D 67 30.84 8.69 -16.20
C GLU D 67 31.51 10.06 -16.32
N GLN D 68 30.97 10.91 -17.20
CA GLN D 68 31.54 12.22 -17.43
C GLN D 68 31.42 13.08 -16.15
N VAL D 69 30.31 12.91 -15.43
CA VAL D 69 30.02 13.65 -14.19
C VAL D 69 30.97 13.14 -13.11
N LEU D 70 31.00 11.82 -12.97
CA LEU D 70 31.93 11.17 -12.06
C LEU D 70 33.33 11.73 -12.22
N GLU D 71 33.79 11.82 -13.47
CA GLU D 71 35.14 12.28 -13.82
C GLU D 71 35.41 13.73 -13.45
N ILE D 72 34.47 14.61 -13.78
CA ILE D 72 34.60 16.02 -13.49
C ILE D 72 34.62 16.24 -11.98
N VAL D 73 33.62 15.72 -11.29
CA VAL D 73 33.55 15.85 -9.84
C VAL D 73 34.85 15.46 -9.16
N ALA D 74 35.44 14.31 -9.53
CA ALA D 74 36.71 13.88 -8.91
C ALA D 74 37.85 14.84 -9.23
N GLU D 75 37.94 15.26 -10.48
CA GLU D 75 38.93 16.26 -10.85
C GLU D 75 38.81 17.47 -9.93
N GLU D 76 37.59 17.87 -9.60
CA GLU D 76 37.36 19.11 -8.87
C GLU D 76 37.59 19.00 -7.34
N ALA D 77 37.29 17.83 -6.77
CA ALA D 77 37.21 17.66 -5.32
C ALA D 77 38.06 16.53 -4.73
N LYS D 78 38.73 15.71 -5.55
CA LYS D 78 39.48 14.58 -4.95
C LYS D 78 40.61 15.05 -4.04
N GLY D 79 40.50 14.75 -2.75
CA GLY D 79 41.50 15.14 -1.77
C GLY D 79 41.08 16.37 -0.98
N LYS D 80 40.07 17.07 -1.48
CA LYS D 80 39.49 18.20 -0.76
C LYS D 80 38.38 17.69 0.15
N ILE D 81 37.64 16.69 -0.32
CA ILE D 81 36.49 16.17 0.40
C ILE D 81 36.28 14.70 0.05
N LYS D 82 35.44 14.05 0.84
CA LYS D 82 35.05 12.67 0.59
C LYS D 82 34.09 12.61 -0.58
N LEU D 83 34.31 11.64 -1.46
CA LEU D 83 33.52 11.54 -2.69
C LEU D 83 32.95 10.15 -2.80
N ILE D 84 31.62 10.06 -2.97
CA ILE D 84 30.92 8.79 -3.07
C ILE D 84 30.19 8.74 -4.42
N ALA D 85 30.41 7.67 -5.17
CA ALA D 85 29.80 7.49 -6.47
C ALA D 85 28.55 6.62 -6.40
N HIS D 86 27.38 7.19 -6.65
CA HIS D 86 26.20 6.34 -6.83
C HIS D 86 26.27 5.66 -8.19
N VAL D 87 26.53 4.36 -8.19
CA VAL D 87 26.75 3.62 -9.42
C VAL D 87 25.57 2.78 -9.81
N GLY D 88 24.49 2.82 -9.03
CA GLY D 88 23.40 1.87 -9.18
C GLY D 88 22.55 2.05 -10.43
N CYS D 89 22.27 0.95 -11.09
CA CYS D 89 21.30 0.87 -12.18
C CYS D 89 20.43 -0.33 -11.85
N VAL D 90 19.48 -0.67 -12.73
CA VAL D 90 18.70 -1.90 -12.55
C VAL D 90 19.58 -3.11 -12.89
N SER D 91 20.40 -2.96 -13.91
CA SER D 91 21.26 -4.03 -14.39
C SER D 91 22.48 -4.10 -13.50
N THR D 92 22.83 -5.30 -13.10
CA THR D 92 24.11 -5.54 -12.43
C THR D 92 25.30 -5.13 -13.27
N ALA D 93 25.26 -5.45 -14.57
CA ALA D 93 26.37 -5.21 -15.49
C ALA D 93 26.63 -3.71 -15.69
N GLU D 94 25.54 -2.94 -15.80
CA GLU D 94 25.60 -1.47 -15.94
C GLU D 94 26.23 -0.85 -14.67
N SER D 95 25.79 -1.35 -13.53
CA SER D 95 26.26 -0.91 -12.23
C SER D 95 27.73 -1.25 -11.97
N GLN D 96 28.20 -2.39 -12.48
CA GLN D 96 29.63 -2.75 -12.40
C GLN D 96 30.52 -1.83 -13.24
N GLN D 97 30.08 -1.46 -14.43
CA GLN D 97 30.89 -0.61 -15.29
C GLN D 97 31.08 0.75 -14.62
N LEU D 98 29.97 1.36 -14.23
CA LEU D 98 30.02 2.59 -13.41
C LEU D 98 30.91 2.39 -12.19
N ALA D 99 30.74 1.28 -11.49
CA ALA D 99 31.61 0.97 -10.36
C ALA D 99 33.09 0.91 -10.79
N ALA D 100 33.38 0.37 -11.97
CA ALA D 100 34.75 0.37 -12.47
C ALA D 100 35.24 1.80 -12.79
N SER D 101 34.36 2.62 -13.37
CA SER D 101 34.70 4.00 -13.71
C SER D 101 35.03 4.87 -12.49
N ALA D 102 34.17 4.83 -11.48
CA ALA D 102 34.39 5.49 -10.20
C ALA D 102 35.75 5.16 -9.58
N LYS D 103 36.12 3.88 -9.60
CA LYS D 103 37.45 3.47 -9.15
C LYS D 103 38.53 4.22 -9.97
N ARG D 104 38.49 4.09 -11.29
CA ARG D 104 39.45 4.77 -12.15
C ARG D 104 39.63 6.24 -11.75
N TYR D 105 38.53 6.93 -11.46
CA TYR D 105 38.58 8.39 -11.19
C TYR D 105 38.95 8.75 -9.74
N GLY D 106 39.12 7.75 -8.88
CA GLY D 106 39.60 7.99 -7.51
C GLY D 106 38.54 8.42 -6.52
N PHE D 107 37.37 7.79 -6.60
CA PHE D 107 36.32 7.98 -5.60
C PHE D 107 36.65 7.28 -4.28
N ASP D 108 35.98 7.66 -3.20
CA ASP D 108 36.24 7.07 -1.88
C ASP D 108 35.30 5.95 -1.47
N ALA D 109 34.27 5.71 -2.26
CA ALA D 109 33.30 4.66 -1.99
C ALA D 109 32.34 4.64 -3.15
N VAL D 110 31.64 3.53 -3.29
CA VAL D 110 30.60 3.39 -4.30
C VAL D 110 29.31 3.12 -3.56
N SER D 111 28.20 3.39 -4.23
CA SER D 111 26.89 3.21 -3.64
C SER D 111 25.92 2.71 -4.69
N ALA D 112 24.90 1.97 -4.27
CA ALA D 112 23.83 1.53 -5.15
C ALA D 112 22.48 1.41 -4.43
N VAL D 113 21.45 2.02 -5.03
CA VAL D 113 20.06 1.86 -4.63
C VAL D 113 19.69 0.43 -4.99
N THR D 114 18.84 -0.19 -4.18
CA THR D 114 18.36 -1.53 -4.48
C THR D 114 17.75 -1.54 -5.87
N PRO D 115 18.13 -2.51 -6.71
CA PRO D 115 17.58 -2.51 -8.05
C PRO D 115 16.05 -2.62 -8.09
N PHE D 116 15.41 -1.96 -9.06
CA PHE D 116 13.96 -1.68 -9.02
C PHE D 116 13.20 -2.09 -10.28
N TYR D 117 11.89 -1.81 -10.27
CA TYR D 117 10.94 -2.15 -11.33
C TYR D 117 10.56 -3.64 -11.33
N TYR D 118 11.48 -4.51 -11.75
CA TYR D 118 11.23 -5.94 -11.61
C TYR D 118 11.36 -6.24 -10.12
N PRO D 119 10.47 -7.08 -9.57
CA PRO D 119 10.59 -7.55 -8.20
C PRO D 119 11.60 -8.68 -8.04
N PHE D 120 12.86 -8.31 -7.86
CA PHE D 120 13.93 -9.26 -7.58
C PHE D 120 13.84 -9.74 -6.15
N SER D 121 14.28 -10.98 -5.93
CA SER D 121 14.33 -11.58 -4.61
C SER D 121 15.43 -10.97 -3.78
N PHE D 122 15.39 -11.28 -2.48
CA PHE D 122 16.43 -10.78 -1.59
C PHE D 122 17.79 -11.39 -1.93
N GLU D 123 17.80 -12.68 -2.27
CA GLU D 123 19.01 -13.36 -2.74
C GLU D 123 19.60 -12.66 -3.96
N GLU D 124 18.73 -12.33 -4.91
CA GLU D 124 19.14 -11.62 -6.11
C GLU D 124 19.63 -10.18 -5.82
N HIS D 125 19.18 -9.59 -4.71
CA HIS D 125 19.66 -8.28 -4.27
C HIS D 125 21.06 -8.39 -3.70
N CYS D 126 21.35 -9.47 -2.98
CA CYS D 126 22.67 -9.61 -2.36
C CYS D 126 23.75 -9.97 -3.37
N ASP D 127 23.47 -10.85 -4.31
CA ASP D 127 24.42 -11.13 -5.41
C ASP D 127 24.83 -9.84 -6.15
N HIS D 128 23.87 -8.94 -6.29
CA HIS D 128 24.01 -7.68 -7.02
C HIS D 128 25.04 -6.77 -6.30
N TYR D 129 24.85 -6.55 -5.01
CA TYR D 129 25.79 -5.77 -4.22
C TYR D 129 27.19 -6.41 -4.18
N ARG D 130 27.24 -7.74 -4.17
CA ARG D 130 28.54 -8.43 -4.19
C ARG D 130 29.25 -8.19 -5.52
N ALA D 131 28.47 -8.14 -6.60
CA ALA D 131 29.01 -7.91 -7.93
C ALA D 131 29.64 -6.52 -8.04
N ILE D 132 28.91 -5.51 -7.58
CA ILE D 132 29.39 -4.13 -7.65
C ILE D 132 30.60 -3.97 -6.74
N ILE D 133 30.51 -4.51 -5.54
CA ILE D 133 31.59 -4.47 -4.56
C ILE D 133 32.92 -4.96 -5.14
N ASP D 134 32.88 -6.09 -5.86
CA ASP D 134 34.06 -6.69 -6.46
C ASP D 134 34.58 -5.81 -7.60
N SER D 135 33.69 -5.34 -8.46
CA SER D 135 34.07 -4.37 -9.51
C SER D 135 34.59 -3.07 -8.87
N ALA D 136 34.08 -2.70 -7.70
CA ALA D 136 34.59 -1.52 -6.96
C ALA D 136 36.08 -1.63 -6.60
N ASP D 137 36.57 -2.87 -6.60
CA ASP D 137 37.97 -3.24 -6.32
C ASP D 137 38.64 -2.40 -5.24
N GLY D 138 38.10 -2.51 -4.03
CA GLY D 138 38.68 -1.84 -2.87
C GLY D 138 37.84 -0.71 -2.31
N LEU D 139 37.03 -0.09 -3.15
CA LEU D 139 36.09 0.94 -2.70
C LEU D 139 34.98 0.28 -1.90
N PRO D 140 34.74 0.75 -0.67
CA PRO D 140 33.62 0.21 0.08
C PRO D 140 32.26 0.65 -0.50
N MET D 141 31.22 -0.09 -0.15
CA MET D 141 29.90 0.17 -0.67
C MET D 141 29.07 0.92 0.35
N VAL D 142 28.24 1.83 -0.15
CA VAL D 142 27.11 2.35 0.59
C VAL D 142 25.84 1.78 -0.01
N VAL D 143 25.16 0.95 0.76
CA VAL D 143 23.85 0.43 0.38
C VAL D 143 22.90 1.61 0.46
N ALA D 144 22.19 1.88 -0.62
CA ALA D 144 21.15 2.89 -0.62
C ALA D 144 19.78 2.21 -0.50
N ASN D 145 19.02 2.62 0.52
CA ASN D 145 17.68 2.09 0.85
C ASN D 145 16.72 3.27 0.81
N ILE D 146 16.01 3.42 -0.30
CA ILE D 146 15.05 4.52 -0.48
C ILE D 146 13.70 3.94 -0.95
N PRO D 147 13.00 3.24 -0.05
CA PRO D 147 11.80 2.49 -0.41
C PRO D 147 10.74 3.28 -1.17
N ALA D 148 10.61 4.58 -0.89
CA ALA D 148 9.55 5.41 -1.52
C ALA D 148 9.74 5.68 -3.02
N LEU D 149 10.95 5.45 -3.53
CA LEU D 149 11.23 5.60 -4.95
C LEU D 149 11.45 4.25 -5.63
N SER D 150 12.07 3.31 -4.93
CA SER D 150 12.38 2.01 -5.52
C SER D 150 11.22 1.01 -5.41
N GLY D 151 10.33 1.25 -4.45
CA GLY D 151 9.31 0.29 -4.10
C GLY D 151 9.87 -1.00 -3.48
N VAL D 152 11.15 -1.03 -3.11
CA VAL D 152 11.71 -2.19 -2.39
C VAL D 152 11.72 -1.91 -0.91
N LYS D 153 10.75 -2.47 -0.20
CA LYS D 153 10.72 -2.38 1.24
C LYS D 153 11.65 -3.48 1.74
N LEU D 154 12.56 -3.10 2.63
CA LEU D 154 13.47 -4.06 3.25
C LEU D 154 13.11 -4.19 4.72
N THR D 155 13.25 -5.41 5.24
CA THR D 155 13.01 -5.66 6.66
C THR D 155 14.29 -5.38 7.42
N LEU D 156 14.24 -5.47 8.75
CA LEU D 156 15.45 -5.31 9.53
C LEU D 156 16.44 -6.43 9.19
N ASP D 157 16.01 -7.66 9.32
CA ASP D 157 16.88 -8.82 9.11
C ASP D 157 17.55 -8.74 7.74
N GLN D 158 16.76 -8.46 6.72
CA GLN D 158 17.31 -8.24 5.38
C GLN D 158 18.38 -7.15 5.36
N ILE D 159 18.06 -5.98 5.90
CA ILE D 159 19.00 -4.89 5.94
C ILE D 159 20.28 -5.37 6.65
N ASN D 160 20.11 -5.89 7.86
CA ASN D 160 21.23 -6.44 8.64
C ASN D 160 22.19 -7.24 7.76
N THR D 161 21.64 -8.13 6.94
CA THR D 161 22.43 -9.03 6.13
C THR D 161 23.17 -8.31 5.00
N LEU D 162 22.57 -7.26 4.46
CA LEU D 162 23.18 -6.45 3.42
C LEU D 162 24.36 -5.65 3.92
N VAL D 163 24.20 -5.00 5.08
CA VAL D 163 25.26 -4.15 5.60
C VAL D 163 26.39 -4.95 6.24
N THR D 164 26.25 -6.28 6.27
CA THR D 164 27.34 -7.18 6.65
C THR D 164 27.78 -8.05 5.47
N LEU D 165 27.34 -7.70 4.25
CA LEU D 165 28.04 -8.16 3.06
C LEU D 165 29.48 -7.69 3.15
N PRO D 166 30.44 -8.61 2.93
CA PRO D 166 31.83 -8.15 3.06
C PRO D 166 32.10 -7.01 2.08
N GLY D 167 32.90 -6.02 2.52
CA GLY D 167 33.17 -4.84 1.71
C GLY D 167 32.21 -3.68 1.91
N VAL D 168 31.06 -3.92 2.57
CA VAL D 168 30.12 -2.85 2.89
C VAL D 168 30.49 -2.22 4.19
N GLY D 169 30.52 -0.88 4.19
CA GLY D 169 30.78 -0.09 5.39
C GLY D 169 29.91 1.16 5.51
N ALA D 170 28.68 1.11 5.00
CA ALA D 170 27.80 2.28 5.11
C ALA D 170 26.40 2.02 4.61
N LEU D 171 25.45 2.77 5.16
CA LEU D 171 24.04 2.69 4.75
C LEU D 171 23.43 4.09 4.59
N LYS D 172 22.96 4.38 3.38
CA LYS D 172 22.05 5.51 3.10
C LYS D 172 20.72 4.98 3.48
N GLN D 173 20.17 5.49 4.57
CA GLN D 173 18.89 5.07 5.11
C GLN D 173 17.92 6.21 4.92
N THR D 174 17.35 6.28 3.73
CA THR D 174 16.33 7.26 3.39
C THR D 174 15.00 6.63 3.75
N SER D 175 14.77 6.55 5.05
CA SER D 175 13.57 5.94 5.62
C SER D 175 13.20 6.72 6.86
N GLY D 176 11.91 7.04 6.97
CA GLY D 176 11.38 7.72 8.13
C GLY D 176 11.14 6.86 9.36
N ASP D 177 11.48 5.58 9.30
CA ASP D 177 11.30 4.68 10.44
C ASP D 177 12.45 4.88 11.41
N LEU D 178 12.26 5.76 12.40
CA LEU D 178 13.36 6.07 13.33
C LEU D 178 13.52 5.04 14.44
N TYR D 179 12.61 4.07 14.52
CA TYR D 179 12.82 2.85 15.32
C TYR D 179 13.85 1.89 14.61
N GLN D 180 13.53 1.43 13.40
CA GLN D 180 14.49 0.76 12.52
C GLN D 180 15.87 1.46 12.53
N MET D 181 15.89 2.79 12.50
CA MET D 181 17.19 3.48 12.54
C MET D 181 17.97 3.14 13.82
N GLU D 182 17.27 3.08 14.95
CA GLU D 182 17.94 2.80 16.23
C GLU D 182 18.38 1.35 16.30
N GLN D 183 17.55 0.44 15.80
CA GLN D 183 17.88 -0.97 15.74
C GLN D 183 19.13 -1.24 14.89
N ILE D 184 19.20 -0.62 13.72
CA ILE D 184 20.42 -0.66 12.89
C ILE D 184 21.62 -0.19 13.69
N ARG D 185 21.47 0.93 14.39
CA ARG D 185 22.58 1.51 15.14
C ARG D 185 22.91 0.64 16.35
N ARG D 186 21.87 0.19 17.06
CA ARG D 186 22.07 -0.61 18.26
C ARG D 186 22.77 -1.88 17.86
N GLU D 187 22.35 -2.43 16.72
CA GLU D 187 22.94 -3.63 16.15
C GLU D 187 24.31 -3.45 15.50
N HIS D 188 24.54 -2.30 14.85
CA HIS D 188 25.80 -2.09 14.10
C HIS D 188 26.49 -0.82 14.63
N PRO D 189 27.13 -0.91 15.83
CA PRO D 189 27.54 0.27 16.55
C PRO D 189 28.63 1.04 15.83
N ASP D 190 29.30 0.37 14.90
CA ASP D 190 30.38 0.95 14.13
C ASP D 190 29.92 1.55 12.80
N LEU D 191 28.95 0.90 12.15
CA LEU D 191 28.46 1.24 10.78
C LEU D 191 28.27 2.73 10.52
N VAL D 192 28.79 3.25 9.41
CA VAL D 192 28.45 4.62 9.01
C VAL D 192 26.98 4.56 8.60
N LEU D 193 26.17 5.49 9.11
CA LEU D 193 24.72 5.40 9.01
C LEU D 193 24.12 6.74 8.59
N TYR D 194 23.82 6.86 7.31
CA TYR D 194 23.39 8.13 6.76
C TYR D 194 21.92 8.31 6.89
N ASN D 195 21.51 9.21 7.78
CA ASN D 195 20.13 9.65 7.75
C ASN D 195 19.90 10.12 6.34
N GLY D 196 18.75 9.77 5.77
CA GLY D 196 18.50 10.04 4.37
C GLY D 196 17.47 11.11 4.07
N TYR D 197 16.59 11.40 5.02
CA TYR D 197 15.48 12.29 4.79
C TYR D 197 15.75 13.63 5.50
N ASP D 198 16.31 14.58 4.77
CA ASP D 198 16.72 15.89 5.32
C ASP D 198 15.80 16.44 6.40
N GLU D 199 14.48 16.35 6.16
CA GLU D 199 13.44 16.89 7.04
C GLU D 199 13.29 16.16 8.36
N ILE D 200 14.10 15.13 8.59
CA ILE D 200 14.12 14.46 9.91
C ILE D 200 15.53 14.27 10.46
N PHE D 201 16.49 14.95 9.84
CA PHE D 201 17.91 14.85 10.19
C PHE D 201 18.17 14.86 11.69
N ALA D 202 17.64 15.85 12.41
CA ALA D 202 17.88 15.98 13.87
C ALA D 202 17.39 14.75 14.61
N SER D 203 16.13 14.40 14.39
CA SER D 203 15.55 13.23 15.00
C SER D 203 16.34 12.00 14.58
N GLY D 204 16.79 11.96 13.34
CA GLY D 204 17.49 10.80 12.81
C GLY D 204 18.84 10.65 13.47
N LEU D 205 19.51 11.79 13.67
CA LEU D 205 20.77 11.82 14.39
C LEU D 205 20.54 11.31 15.82
N LEU D 206 19.49 11.81 16.45
CA LEU D 206 19.13 11.35 17.80
C LEU D 206 18.90 9.83 17.88
N ALA D 207 18.29 9.26 16.84
CA ALA D 207 18.00 7.82 16.80
C ALA D 207 19.21 6.97 16.45
N GLY D 208 20.35 7.58 16.13
CA GLY D 208 21.59 6.82 15.97
C GLY D 208 22.34 7.05 14.67
N ALA D 209 21.71 7.75 13.72
CA ALA D 209 22.40 8.23 12.54
C ALA D 209 23.50 9.23 12.92
N ASP D 210 24.61 9.17 12.21
CA ASP D 210 25.86 9.88 12.52
C ASP D 210 26.27 10.88 11.42
N GLY D 211 25.28 11.29 10.63
CA GLY D 211 25.52 12.17 9.50
C GLY D 211 24.32 12.12 8.57
N GLY D 212 24.53 12.42 7.31
CA GLY D 212 23.49 12.25 6.33
C GLY D 212 23.95 12.32 4.90
N ILE D 213 23.00 12.12 4.00
CA ILE D 213 23.17 12.36 2.58
C ILE D 213 21.82 12.89 2.16
N GLY D 214 21.80 14.10 1.61
CA GLY D 214 20.53 14.70 1.23
C GLY D 214 20.63 15.70 0.10
N SER D 215 19.46 15.97 -0.51
CA SER D 215 19.38 16.86 -1.66
C SER D 215 19.60 18.30 -1.23
N THR D 216 18.89 18.72 -0.20
CA THR D 216 18.83 20.11 0.24
C THR D 216 20.17 20.64 0.76
N TYR D 217 21.15 19.75 1.01
CA TYR D 217 22.47 20.14 1.51
C TYR D 217 23.27 20.97 0.49
N ASN D 218 22.86 20.91 -0.78
CA ASN D 218 23.49 21.69 -1.85
C ASN D 218 23.25 23.17 -1.65
N ILE D 219 22.19 23.55 -0.92
CA ILE D 219 21.84 24.99 -0.77
C ILE D 219 21.89 25.56 0.65
N MET D 220 22.00 24.70 1.66
CA MET D 220 22.17 25.15 3.03
C MET D 220 22.85 24.06 3.88
N GLY D 221 23.90 23.46 3.34
CA GLY D 221 24.61 22.34 4.01
C GLY D 221 25.30 22.63 5.34
N TRP D 222 25.53 23.92 5.64
CA TRP D 222 26.10 24.33 6.93
C TRP D 222 25.08 24.20 8.08
N ARG D 223 23.80 24.40 7.78
CA ARG D 223 22.74 24.22 8.77
C ARG D 223 22.66 22.81 9.35
N TYR D 224 22.97 21.83 8.50
CA TYR D 224 23.01 20.42 8.89
C TYR D 224 24.25 20.14 9.70
N GLN D 225 25.33 20.83 9.37
CA GLN D 225 26.56 20.73 10.13
C GLN D 225 26.31 21.22 11.55
N GLY D 226 25.58 22.35 11.65
CA GLY D 226 25.18 22.92 12.94
C GLY D 226 24.36 21.97 13.79
N ILE D 227 23.50 21.20 13.14
CA ILE D 227 22.70 20.24 13.87
C ILE D 227 23.60 19.17 14.49
N VAL D 228 24.51 18.60 13.72
CA VAL D 228 25.45 17.58 14.27
C VAL D 228 26.14 18.12 15.55
N LYS D 229 26.77 19.30 15.41
CA LYS D 229 27.51 20.00 16.48
C LYS D 229 26.60 20.34 17.68
N ALA D 230 25.51 21.06 17.43
CA ALA D 230 24.54 21.41 18.49
C ALA D 230 24.05 20.23 19.34
N LEU D 231 24.00 19.02 18.76
CA LEU D 231 23.60 17.82 19.51
C LEU D 231 24.78 17.10 20.17
N LYS D 232 25.97 17.24 19.59
CA LYS D 232 27.17 16.75 20.26
C LYS D 232 27.48 17.64 21.48
N GLU D 233 26.92 18.85 21.51
CA GLU D 233 27.17 19.79 22.59
C GLU D 233 26.00 19.91 23.57
N GLY D 234 24.92 19.15 23.35
CA GLY D 234 23.74 19.23 24.20
C GLY D 234 22.83 20.44 24.00
N ASP D 235 22.98 21.12 22.86
CA ASP D 235 22.13 22.28 22.52
C ASP D 235 20.99 21.78 21.62
N ILE D 236 20.05 21.08 22.24
CA ILE D 236 18.87 20.60 21.53
C ILE D 236 18.03 21.76 20.95
N GLN D 237 18.01 22.88 21.66
CA GLN D 237 17.16 24.01 21.28
C GLN D 237 17.60 24.65 19.97
N THR D 238 18.90 24.70 19.70
CA THR D 238 19.39 25.23 18.41
C THR D 238 19.28 24.17 17.32
N ALA D 239 19.48 22.90 17.68
CA ALA D 239 19.29 21.82 16.73
C ALA D 239 17.83 21.89 16.19
N GLN D 240 16.89 22.02 17.12
CA GLN D 240 15.47 22.23 16.80
C GLN D 240 15.21 23.49 16.02
N LYS D 241 15.90 24.55 16.42
CA LYS D 241 15.81 25.83 15.74
C LYS D 241 16.25 25.69 14.28
N LEU D 242 17.37 25.00 14.06
CA LEU D 242 17.85 24.76 12.70
C LEU D 242 16.96 23.78 11.88
N GLN D 243 16.51 22.69 12.49
CA GLN D 243 15.63 21.73 11.78
C GLN D 243 14.35 22.40 11.29
N THR D 244 13.77 23.27 12.13
CA THR D 244 12.56 23.99 11.76
C THR D 244 12.82 24.86 10.54
N GLU D 245 13.92 25.61 10.55
CA GLU D 245 14.28 26.43 9.40
C GLU D 245 14.49 25.58 8.15
N CYS D 246 15.24 24.47 8.26
CA CYS D 246 15.37 23.54 7.12
C CYS D 246 13.99 23.10 6.59
N ASN D 247 13.04 22.79 7.48
CA ASN D 247 11.77 22.23 7.06
C ASN D 247 10.78 23.26 6.45
N LYS D 248 10.93 24.56 6.75
CA LYS D 248 10.15 25.59 6.06
C LYS D 248 10.59 25.64 4.59
N VAL D 249 11.87 25.37 4.36
CA VAL D 249 12.44 25.38 3.02
C VAL D 249 12.10 24.08 2.28
N ILE D 250 12.10 22.96 3.00
CA ILE D 250 11.64 21.71 2.39
C ILE D 250 10.15 21.78 2.05
N ASP D 251 9.35 22.41 2.90
CA ASP D 251 7.95 22.67 2.56
C ASP D 251 7.84 23.37 1.20
N LEU D 252 8.63 24.41 0.98
CA LEU D 252 8.62 25.12 -0.31
C LEU D 252 9.02 24.21 -1.48
N LEU D 253 10.08 23.45 -1.26
CA LEU D 253 10.67 22.64 -2.31
C LEU D 253 9.68 21.55 -2.74
N ILE D 254 9.07 20.87 -1.77
CA ILE D 254 7.98 19.91 -2.02
C ILE D 254 6.88 20.50 -2.92
N LYS D 255 6.43 21.71 -2.61
CA LYS D 255 5.45 22.40 -3.48
C LYS D 255 5.98 22.62 -4.92
N THR D 256 7.25 22.99 -5.05
CA THR D 256 7.80 23.38 -6.36
C THR D 256 8.38 22.20 -7.13
N GLY D 257 8.52 21.03 -6.47
CA GLY D 257 9.35 19.94 -6.99
C GLY D 257 10.74 20.04 -6.38
N VAL D 258 11.21 18.98 -5.74
CA VAL D 258 12.43 19.11 -4.94
C VAL D 258 13.68 19.43 -5.75
N PHE D 259 14.05 18.59 -6.71
CA PHE D 259 15.36 18.77 -7.33
C PHE D 259 15.41 20.03 -8.20
N ARG D 260 14.33 20.32 -8.89
CA ARG D 260 14.31 21.52 -9.77
C ARG D 260 14.12 22.81 -8.98
N GLY D 261 13.53 22.70 -7.80
CA GLY D 261 13.40 23.83 -6.91
C GLY D 261 14.75 24.16 -6.33
N LEU D 262 15.52 23.10 -6.01
CA LEU D 262 16.89 23.26 -5.56
C LEU D 262 17.74 23.86 -6.65
N LYS D 263 17.55 23.35 -7.86
CA LYS D 263 18.35 23.85 -8.98
C LYS D 263 18.13 25.35 -9.18
N THR D 264 16.87 25.78 -9.10
CA THR D 264 16.46 27.17 -9.31
C THR D 264 17.12 28.08 -8.31
N VAL D 265 17.11 27.70 -7.04
CA VAL D 265 17.76 28.53 -6.01
C VAL D 265 19.27 28.62 -6.25
N LEU D 266 19.88 27.50 -6.66
CA LEU D 266 21.29 27.51 -7.05
C LEU D 266 21.56 28.45 -8.25
N HIS D 267 20.55 28.62 -9.10
CA HIS D 267 20.63 29.56 -10.22
C HIS D 267 20.72 30.99 -9.69
N TYR D 268 19.90 31.34 -8.71
CA TYR D 268 19.88 32.71 -8.19
C TYR D 268 21.11 33.01 -7.34
N MET D 269 21.70 31.96 -6.76
CA MET D 269 22.99 32.07 -6.07
C MET D 269 24.18 32.11 -7.03
N ASP D 270 23.91 32.24 -8.33
CA ASP D 270 24.95 32.35 -9.37
C ASP D 270 25.77 31.06 -9.62
N VAL D 271 25.21 29.90 -9.29
CA VAL D 271 25.98 28.64 -9.39
C VAL D 271 25.61 27.83 -10.63
N VAL D 272 24.30 27.70 -10.87
CA VAL D 272 23.79 26.91 -12.00
C VAL D 272 23.18 27.81 -13.07
N SER D 273 23.65 27.71 -14.31
CA SER D 273 23.14 28.55 -15.42
C SER D 273 21.67 28.31 -15.79
N VAL D 274 21.33 27.04 -15.99
CA VAL D 274 19.97 26.65 -16.36
C VAL D 274 19.39 25.64 -15.33
N PRO D 275 18.30 26.04 -14.61
CA PRO D 275 17.76 25.27 -13.49
C PRO D 275 16.75 24.18 -13.89
N LEU D 276 17.03 23.46 -14.98
CA LEU D 276 16.09 22.47 -15.51
C LEU D 276 16.47 21.06 -15.11
N CYS D 277 15.45 20.24 -14.92
CA CYS D 277 15.63 18.81 -14.75
C CYS D 277 15.33 18.20 -16.11
N ARG D 278 15.83 17.00 -16.34
CA ARG D 278 15.57 16.37 -17.62
C ARG D 278 14.18 15.81 -17.71
N LYS D 279 13.57 15.95 -18.89
CA LYS D 279 12.24 15.41 -19.17
C LYS D 279 12.20 13.94 -18.76
N PRO D 280 11.08 13.51 -18.14
CA PRO D 280 9.79 14.23 -18.06
C PRO D 280 9.56 15.19 -16.89
N PHE D 281 10.56 15.47 -16.07
CA PHE D 281 10.46 16.58 -15.09
C PHE D 281 10.16 17.87 -15.85
N GLY D 282 9.04 18.52 -15.54
CA GLY D 282 8.68 19.80 -16.15
C GLY D 282 9.47 20.97 -15.54
N PRO D 283 9.14 22.20 -15.95
CA PRO D 283 9.71 23.39 -15.32
C PRO D 283 9.00 23.71 -13.99
N VAL D 284 9.69 24.39 -13.09
CA VAL D 284 9.01 24.98 -11.93
C VAL D 284 7.98 25.98 -12.44
N ASP D 285 6.96 26.20 -11.64
CA ASP D 285 5.90 27.15 -11.99
C ASP D 285 6.40 28.54 -11.61
N GLU D 286 6.13 29.53 -12.46
CA GLU D 286 6.62 30.90 -12.24
C GLU D 286 6.15 31.53 -10.91
N LYS D 287 5.05 31.03 -10.36
CA LYS D 287 4.47 31.60 -9.15
C LYS D 287 5.33 31.36 -7.87
N TYR D 288 6.25 30.39 -7.93
CA TYR D 288 7.17 30.14 -6.82
C TYR D 288 8.51 30.83 -6.99
N LEU D 289 8.70 31.48 -8.13
CA LEU D 289 9.98 32.12 -8.44
C LEU D 289 10.31 33.28 -7.52
N PRO D 290 9.33 34.12 -7.17
CA PRO D 290 9.54 35.11 -6.12
C PRO D 290 10.01 34.52 -4.77
N GLU D 291 9.44 33.38 -4.39
CA GLU D 291 9.78 32.76 -3.10
C GLU D 291 11.11 32.01 -3.17
N LEU D 292 11.43 31.49 -4.36
CA LEU D 292 12.72 30.89 -4.56
C LEU D 292 13.79 31.99 -4.68
N LYS D 293 13.41 33.17 -5.19
CA LYS D 293 14.37 34.29 -5.26
C LYS D 293 14.69 34.80 -3.86
N ALA D 294 13.63 35.07 -3.10
CA ALA D 294 13.75 35.56 -1.71
C ALA D 294 14.59 34.59 -0.88
N LEU D 295 14.38 33.30 -1.10
CA LEU D 295 15.15 32.27 -0.42
C LEU D 295 16.62 32.32 -0.83
N ALA D 296 16.89 32.52 -2.11
CA ALA D 296 18.29 32.61 -2.57
C ALA D 296 19.02 33.72 -1.80
N GLN D 297 18.32 34.82 -1.55
CA GLN D 297 18.88 36.00 -0.85
C GLN D 297 19.04 35.75 0.67
N GLN D 298 18.02 35.18 1.29
CA GLN D 298 18.10 34.84 2.70
C GLN D 298 19.35 33.99 2.95
N LEU D 299 19.55 32.98 2.12
CA LEU D 299 20.60 31.98 2.35
C LEU D 299 22.03 32.48 2.05
N MET D 300 22.17 33.39 1.09
CA MET D 300 23.50 33.98 0.81
C MET D 300 23.98 34.91 1.94
N GLN D 301 23.05 35.65 2.54
CA GLN D 301 23.34 36.55 3.68
C GLN D 301 23.76 35.77 4.94
N GLU D 302 23.25 34.54 5.06
CA GLU D 302 23.56 33.66 6.20
C GLU D 302 24.95 33.04 6.01
O1A SI3 E . 5.94 -7.04 -20.74
C1 SI3 E . 5.12 -6.14 -20.77
O1B SI3 E . 5.53 -4.77 -20.93
C2 SI3 E . 3.66 -6.40 -20.71
C3 SI3 E . 3.11 -7.79 -20.51
C4 SI3 E . 2.49 -7.82 -19.14
O4 SI3 E . 1.07 -7.74 -19.20
C5 SI3 E . 2.93 -8.97 -18.27
N5 SI3 E . 2.91 -8.45 -16.92
C10 SI3 E . 4.00 -8.68 -16.00
C11 SI3 E . 3.81 -8.10 -14.62
O10 SI3 E . 5.00 -9.30 -16.29
C6 SI3 E . 2.00 -10.15 -18.25
O6 SI3 E . 2.12 -10.90 -19.45
C7 SI3 E . 2.34 -11.07 -17.11
O7 SI3 E . 3.72 -11.44 -17.17
C8 SI3 E . 1.55 -12.33 -17.16
O8 SI3 E . 0.15 -12.07 -17.18
C9 SI3 E . 1.91 -13.22 -16.01
O9 SI3 E . 1.50 -12.65 -14.75
O1A SI3 F . -3.26 2.51 22.76
C1 SI3 F . -3.61 3.65 22.46
O1B SI3 F . -4.98 3.98 22.35
C2 SI3 F . -2.61 4.73 22.18
C3 SI3 F . -1.11 4.43 22.25
C4 SI3 F . -0.65 3.99 20.88
O4 SI3 F . 0.05 5.04 20.26
C5 SI3 F . 0.13 2.68 20.79
N5 SI3 F . -0.07 2.23 19.43
C10 SI3 F . -0.49 0.88 19.10
C11 SI3 F . -0.66 0.59 17.64
O10 SI3 F . -0.65 0.01 19.94
C6 SI3 F . 1.62 2.65 21.05
O6 SI3 F . 1.91 2.91 22.43
C7 SI3 F . 2.16 1.26 20.77
O7 SI3 F . 1.42 0.34 21.58
C8 SI3 F . 3.61 1.00 21.10
O8 SI3 F . 4.51 1.98 20.60
C9 SI3 F . 3.99 -0.40 20.64
O9 SI3 F . 4.67 -0.41 19.38
C12 1PE G . 5.60 9.80 0.50
C22 1PE G . 5.48 9.89 2.01
OH3 1PE G . 6.80 10.00 2.60
C13 1PE G . 7.66 10.83 4.72
C23 1PE G . 6.80 11.13 3.50
OH4 1PE G . 8.17 12.06 5.21
C14 1PE G . 10.32 11.34 6.30
C24 1PE G . 9.64 12.09 5.13
OH5 1PE G . 9.43 11.16 7.42
O1 MN9 H . -19.37 -7.82 -1.37
C2 MN9 H . -20.04 -5.54 -1.16
N2 MN9 H . -18.69 -5.18 -0.74
C7 MN9 H . -18.32 -4.07 -0.09
C MN9 H . -20.21 -7.03 -0.94
O7 MN9 H . -17.15 -3.85 0.24
C8 MN9 H . -19.39 -3.04 0.21
C3 MN9 H . -20.15 -5.33 -2.67
O3 MN9 H . -21.33 -6.00 -3.21
C4 MN9 H . -20.20 -3.85 -2.94
O4 MN9 H . -21.18 -3.28 -2.11
C5 MN9 H . -20.56 -3.49 -4.39
C6 MN9 H . -19.98 -2.10 -4.66
O6 MN9 H . -18.53 -2.14 -4.78
O5 MN9 H . -20.00 -4.41 -5.30
OH2 1PE I . -12.70 -3.96 -7.22
C12 1PE I . -11.44 -3.31 -7.27
C22 1PE I . -11.62 -1.79 -7.18
OH3 1PE I . -10.68 -1.22 -6.22
C13 1PE I . -10.53 0.65 -4.63
C23 1PE I . -11.40 -0.46 -5.24
OH4 1PE I . -11.33 1.83 -4.40
C24 1PE I . -12.09 1.75 -3.19
O1A SI3 J . 19.84 11.16 -4.04
C1 SI3 J . 19.84 10.14 -3.36
O1B SI3 J . 20.25 8.89 -3.94
C2 SI3 J . 19.44 10.17 -1.93
C3 SI3 J . 18.98 11.46 -1.29
C4 SI3 J . 17.63 11.18 -0.74
O4 SI3 J . 17.79 10.90 0.65
C5 SI3 J . 16.56 12.22 -1.03
N5 SI3 J . 15.32 11.45 -1.09
C10 SI3 J . 14.27 11.51 -2.11
C11 SI3 J . 14.44 12.56 -3.14
O10 SI3 J . 13.26 10.77 -2.08
C6 SI3 J . 16.40 13.22 0.08
O6 SI3 J . 17.63 13.94 0.24
C7 SI3 J . 15.22 14.14 -0.18
O7 SI3 J . 15.44 14.87 -1.39
C8 SI3 J . 14.93 15.15 0.89
O8 SI3 J . 14.73 14.53 2.15
C9 SI3 J . 13.70 15.92 0.51
O9 SI3 J . 12.55 15.15 0.93
#